data_7C3A
#
_entry.id   7C3A
#
_cell.length_a   158.692
_cell.length_b   158.692
_cell.length_c   81.446
_cell.angle_alpha   90.000
_cell.angle_beta   90.000
_cell.angle_gamma   90.000
#
_symmetry.space_group_name_H-M   'P 42 21 2'
#
loop_
_entity.id
_entity.type
_entity.pdbx_description
1 polymer 'Ferredoxin reductase component of carbazole'
2 non-polymer 'FLAVIN-ADENINE DINUCLEOTIDE'
3 non-polymer 'FE2/S2 (INORGANIC) CLUSTER'
4 non-polymer 'IODIDE ION'
5 non-polymer 'CHLORIDE ION'
6 non-polymer 'NICKEL (II) ION'
7 water water
#
_entity_poly.entity_id   1
_entity_poly.type   'polypeptide(L)'
_entity_poly.pdbx_seq_one_letter_code
;MHHHHHHYQLKIEGQAPGTCGSDKSLLVSALANGIGLPYECASGGCGVCKFELLEGTVQSMWPDAPGLSSRDREKGNRHL
ACQCIALSDLRIKVAVQDKYIPAIPISKMEAEVVAVRALTHDLLSVKLRTDVPANFLPGQFCLIEAEQLPGVVRAYSMAN
SMNPDGFWEFYIKRVPTGRFSPWLFENRKVGARLFLTGPMGTSFFRPGTGRKSLCIGGGAGLSYAAAIARASIRETDKPV
KLFYGSRTPRDAVRWIDIDIDEDKLEVVQAVTEDTDSLWQGPIGFIHQVVDAALLETLPEYEIYLAGPPPMVDATVRMLL
GKGVPRDQIHFDAFF
;
_entity_poly.pdbx_strand_id   A,B,C
#
loop_
_chem_comp.id
_chem_comp.type
_chem_comp.name
_chem_comp.formula
CL non-polymer 'CHLORIDE ION' 'Cl -1'
FAD non-polymer 'FLAVIN-ADENINE DINUCLEOTIDE' 'C27 H33 N9 O15 P2'
FES non-polymer 'FE2/S2 (INORGANIC) CLUSTER' 'Fe2 S2'
IOD non-polymer 'IODIDE ION' 'I -1'
NI non-polymer 'NICKEL (II) ION' 'Ni 2'
#
# COMPACT_ATOMS: atom_id res chain seq x y z
N HIS A 3 6.37 -4.47 -3.32
CA HIS A 3 6.68 -5.82 -2.72
C HIS A 3 7.16 -6.83 -3.78
N HIS A 4 7.11 -8.13 -3.45
CA HIS A 4 7.75 -9.18 -4.24
C HIS A 4 7.15 -9.41 -5.62
N HIS A 5 7.99 -9.85 -6.57
CA HIS A 5 7.56 -10.19 -7.94
C HIS A 5 8.11 -11.54 -8.35
N HIS A 6 7.29 -12.29 -9.08
CA HIS A 6 7.74 -13.55 -9.67
C HIS A 6 8.10 -13.35 -11.13
N HIS A 7 9.07 -14.12 -11.59
CA HIS A 7 9.51 -14.08 -12.99
C HIS A 7 9.23 -15.42 -13.63
N TYR A 8 8.60 -15.36 -14.78
CA TYR A 8 8.21 -16.54 -15.53
C TYR A 8 8.83 -16.50 -16.91
N GLN A 9 8.89 -17.67 -17.55
CA GLN A 9 9.38 -17.80 -18.92
C GLN A 9 8.33 -17.31 -19.92
N LEU A 10 8.72 -16.41 -20.83
CA LEU A 10 7.84 -15.93 -21.91
C LEU A 10 8.29 -16.53 -23.26
N LYS A 11 7.78 -17.73 -23.54
CA LYS A 11 8.03 -18.38 -24.83
C LYS A 11 7.12 -17.76 -25.88
N ILE A 12 7.74 -17.19 -26.91
CA ILE A 12 7.01 -16.44 -27.93
C ILE A 12 7.40 -17.07 -29.28
N GLU A 13 6.41 -17.69 -29.93
CA GLU A 13 6.66 -18.57 -31.08
C GLU A 13 7.43 -17.87 -32.20
N GLY A 14 8.49 -18.52 -32.68
CA GLY A 14 9.38 -17.99 -33.71
C GLY A 14 10.49 -17.09 -33.20
N GLN A 15 10.50 -16.81 -31.90
CA GLN A 15 11.45 -15.89 -31.29
C GLN A 15 12.22 -16.53 -30.13
N ALA A 16 13.25 -15.83 -29.66
CA ALA A 16 14.08 -16.29 -28.56
C ALA A 16 13.34 -16.27 -27.22
N PRO A 17 13.53 -17.32 -26.40
CA PRO A 17 12.91 -17.38 -25.05
C PRO A 17 13.21 -16.18 -24.19
N GLY A 18 12.19 -15.40 -23.86
CA GLY A 18 12.35 -14.23 -23.00
C GLY A 18 11.79 -14.47 -21.61
N THR A 19 11.60 -13.39 -20.85
CA THR A 19 10.99 -13.50 -19.54
C THR A 19 9.98 -12.40 -19.27
N CYS A 20 8.87 -12.77 -18.62
CA CYS A 20 7.83 -11.81 -18.19
C CYS A 20 7.64 -11.80 -16.67
N GLY A 21 6.82 -10.87 -16.17
CA GLY A 21 6.63 -10.66 -14.75
C GLY A 21 5.21 -10.72 -14.21
N SER A 22 5.12 -10.78 -12.89
CA SER A 22 3.82 -10.97 -12.21
C SER A 22 3.13 -9.65 -11.92
N ASP A 23 3.82 -8.53 -12.09
CA ASP A 23 3.21 -7.23 -11.87
C ASP A 23 3.64 -6.19 -12.91
N LYS A 24 3.73 -6.65 -14.16
CA LYS A 24 4.21 -5.87 -15.28
C LYS A 24 3.38 -6.34 -16.46
N SER A 25 2.95 -5.43 -17.33
CA SER A 25 2.12 -5.87 -18.43
C SER A 25 2.97 -6.78 -19.33
N LEU A 26 2.32 -7.64 -20.09
CA LEU A 26 3.02 -8.54 -20.99
C LEU A 26 3.77 -7.76 -22.07
N LEU A 27 3.18 -6.64 -22.46
CA LEU A 27 3.74 -5.78 -23.46
C LEU A 27 5.05 -5.18 -22.97
N VAL A 28 5.03 -4.60 -21.78
CA VAL A 28 6.27 -4.01 -21.23
C VAL A 28 7.30 -5.10 -20.88
N SER A 29 6.85 -6.33 -20.71
CA SER A 29 7.77 -7.45 -20.53
C SER A 29 8.50 -7.75 -21.83
N ALA A 30 7.75 -7.89 -22.90
CA ALA A 30 8.33 -8.17 -24.21
C ALA A 30 9.24 -7.02 -24.67
N LEU A 31 8.76 -5.78 -24.53
CA LEU A 31 9.57 -4.63 -24.95
C LEU A 31 10.85 -4.55 -24.16
N ALA A 32 10.81 -4.99 -22.90
CA ALA A 32 12.02 -5.03 -22.10
C ALA A 32 12.99 -6.05 -22.68
N ASN A 33 12.46 -7.16 -23.20
CA ASN A 33 13.28 -8.17 -23.89
C ASN A 33 13.75 -7.72 -25.26
N GLY A 34 13.21 -6.60 -25.74
CA GLY A 34 13.60 -6.04 -27.03
C GLY A 34 12.81 -6.66 -28.17
N ILE A 35 11.66 -7.24 -27.83
CA ILE A 35 10.80 -7.86 -28.81
C ILE A 35 9.80 -6.82 -29.33
N GLY A 36 9.79 -6.59 -30.63
CA GLY A 36 8.93 -5.57 -31.23
C GLY A 36 7.47 -5.97 -31.29
N LEU A 37 6.92 -6.34 -30.13
CA LEU A 37 5.51 -6.74 -29.99
C LEU A 37 4.60 -5.53 -30.21
N PRO A 38 3.75 -5.57 -31.25
CA PRO A 38 2.92 -4.41 -31.63
C PRO A 38 2.17 -3.75 -30.48
N TYR A 39 2.20 -2.44 -30.42
CA TYR A 39 1.45 -1.66 -29.45
C TYR A 39 1.23 -0.23 -29.97
N GLU A 40 0.23 0.46 -29.43
CA GLU A 40 0.05 1.90 -29.67
C GLU A 40 -0.31 2.63 -28.38
N CYS A 41 -1.57 2.59 -27.98
CA CYS A 41 -2.04 3.30 -26.79
C CYS A 41 -1.39 2.78 -25.50
N ALA A 42 -1.19 1.45 -25.43
CA ALA A 42 -0.79 0.74 -24.21
C ALA A 42 -1.81 0.89 -23.08
N SER A 43 -3.05 1.22 -23.47
CA SER A 43 -4.11 1.54 -22.53
C SER A 43 -5.43 0.82 -22.81
N GLY A 44 -5.43 -0.11 -23.76
CA GLY A 44 -6.57 -1.01 -23.99
C GLY A 44 -7.57 -0.56 -25.04
N GLY A 45 -7.19 0.43 -25.86
CA GLY A 45 -8.10 1.02 -26.84
C GLY A 45 -7.83 0.60 -28.28
N CYS A 46 -6.59 0.71 -28.72
CA CYS A 46 -6.25 0.47 -30.13
C CYS A 46 -6.46 -0.98 -30.56
N GLY A 47 -6.13 -1.93 -29.67
CA GLY A 47 -6.22 -3.36 -29.98
C GLY A 47 -5.01 -3.91 -30.70
N VAL A 48 -3.96 -3.10 -30.80
CA VAL A 48 -2.83 -3.41 -31.68
C VAL A 48 -1.94 -4.47 -31.04
N CYS A 49 -2.01 -4.52 -29.75
CA CYS A 49 -1.19 -5.47 -29.00
C CYS A 49 -1.83 -6.88 -28.85
N LYS A 50 -2.86 -7.25 -29.63
CA LYS A 50 -3.56 -8.54 -29.55
C LYS A 50 -2.61 -9.72 -29.77
N PHE A 51 -2.83 -10.78 -29.00
CA PHE A 51 -2.07 -12.02 -29.15
C PHE A 51 -2.93 -13.20 -28.70
N GLU A 52 -2.64 -14.40 -29.21
CA GLU A 52 -3.32 -15.60 -28.72
C GLU A 52 -2.48 -16.38 -27.67
N LEU A 53 -3.18 -16.97 -26.70
CA LEU A 53 -2.56 -17.84 -25.70
C LEU A 53 -2.47 -19.29 -26.17
N LEU A 54 -1.24 -19.78 -26.35
CA LEU A 54 -1.01 -21.17 -26.70
C LEU A 54 -0.94 -22.05 -25.43
N GLU A 55 -0.33 -21.52 -24.37
CA GLU A 55 -0.18 -22.24 -23.11
C GLU A 55 0.10 -21.26 -21.97
N GLY A 56 -0.45 -21.55 -20.79
CA GLY A 56 -0.26 -20.69 -19.61
C GLY A 56 -1.50 -19.95 -19.19
N THR A 57 -1.36 -19.03 -18.23
CA THR A 57 -2.50 -18.25 -17.73
C THR A 57 -2.14 -16.80 -17.50
N VAL A 58 -3.12 -15.93 -17.68
CA VAL A 58 -2.92 -14.47 -17.51
C VAL A 58 -4.05 -13.86 -16.72
N GLN A 59 -3.72 -12.84 -15.92
CA GLN A 59 -4.73 -12.06 -15.19
C GLN A 59 -4.92 -10.72 -15.91
N SER A 60 -6.12 -10.50 -16.44
CA SER A 60 -6.39 -9.26 -17.18
C SER A 60 -6.65 -8.08 -16.26
N MET A 61 -5.84 -7.04 -16.42
CA MET A 61 -6.02 -5.75 -15.73
C MET A 61 -7.41 -5.14 -15.96
N TRP A 62 -8.01 -5.42 -17.12
CA TRP A 62 -9.28 -4.81 -17.49
C TRP A 62 -9.99 -5.68 -18.54
N PRO A 63 -10.92 -6.55 -18.09
CA PRO A 63 -11.60 -7.46 -19.03
C PRO A 63 -12.47 -6.75 -20.07
N ASP A 64 -13.10 -5.64 -19.67
CA ASP A 64 -14.05 -4.93 -20.53
C ASP A 64 -13.36 -4.20 -21.71
N ALA A 65 -12.04 -4.06 -21.61
CA ALA A 65 -11.25 -3.39 -22.64
C ALA A 65 -11.80 -3.54 -24.07
N PRO A 66 -12.22 -2.42 -24.69
CA PRO A 66 -12.79 -2.44 -26.04
C PRO A 66 -11.77 -2.59 -27.17
N GLY A 67 -10.50 -2.79 -26.81
CA GLY A 67 -9.42 -2.88 -27.80
C GLY A 67 -9.55 -4.00 -28.81
N LEU A 68 -9.94 -5.17 -28.36
CA LEU A 68 -10.11 -6.30 -29.27
C LEU A 68 -11.58 -6.44 -29.74
N SER A 69 -11.73 -6.47 -31.06
CA SER A 69 -13.01 -6.70 -31.70
C SER A 69 -13.58 -8.03 -31.23
N SER A 70 -14.89 -8.09 -31.04
CA SER A 70 -15.54 -9.36 -30.68
C SER A 70 -15.32 -10.47 -31.72
N ARG A 71 -14.76 -10.12 -32.88
CA ARG A 71 -14.23 -11.12 -33.81
C ARG A 71 -13.05 -11.86 -33.17
N ASP A 72 -12.14 -11.11 -32.55
CA ASP A 72 -11.05 -11.68 -31.74
C ASP A 72 -11.56 -12.31 -30.45
N ARG A 73 -12.57 -11.69 -29.85
CA ARG A 73 -13.11 -12.17 -28.58
C ARG A 73 -13.83 -13.51 -28.76
N GLU A 74 -14.45 -13.70 -29.93
CA GLU A 74 -15.09 -14.98 -30.26
C GLU A 74 -14.08 -16.10 -30.46
N LYS A 75 -12.86 -15.76 -30.87
CA LYS A 75 -11.78 -16.75 -30.91
C LYS A 75 -11.59 -17.38 -29.51
N GLY A 76 -11.58 -16.53 -28.47
CA GLY A 76 -11.55 -16.99 -27.09
C GLY A 76 -10.20 -16.94 -26.39
N ASN A 77 -9.13 -17.22 -27.13
CA ASN A 77 -7.78 -17.22 -26.54
C ASN A 77 -6.94 -15.98 -26.94
N ARG A 78 -7.62 -14.94 -27.40
CA ARG A 78 -6.94 -13.73 -27.81
C ARG A 78 -7.05 -12.73 -26.68
N HIS A 79 -5.96 -12.03 -26.41
CA HIS A 79 -5.89 -11.07 -25.32
C HIS A 79 -5.08 -9.86 -25.76
N LEU A 80 -5.18 -8.79 -24.98
CA LEU A 80 -4.42 -7.58 -25.21
C LEU A 80 -3.17 -7.65 -24.38
N ALA A 81 -2.02 -7.49 -25.04
CA ALA A 81 -0.74 -7.58 -24.36
C ALA A 81 -0.53 -6.47 -23.37
N CYS A 82 -1.18 -5.31 -23.59
CA CYS A 82 -1.07 -4.17 -22.68
C CYS A 82 -2.00 -4.29 -21.48
N GLN A 83 -2.84 -5.34 -21.45
CA GLN A 83 -3.81 -5.52 -20.37
C GLN A 83 -3.65 -6.88 -19.63
N CYS A 84 -2.55 -7.57 -19.83
CA CYS A 84 -2.34 -8.89 -19.25
C CYS A 84 -1.10 -8.93 -18.39
N ILE A 85 -1.18 -9.64 -17.26
CA ILE A 85 0.01 -10.00 -16.46
C ILE A 85 0.16 -11.51 -16.51
N ALA A 86 1.40 -11.97 -16.47
CA ALA A 86 1.67 -13.39 -16.51
C ALA A 86 1.41 -13.97 -15.13
N LEU A 87 0.68 -15.07 -15.06
CA LEU A 87 0.50 -15.83 -13.80
C LEU A 87 1.37 -17.08 -13.76
N SER A 88 1.93 -17.46 -14.90
CA SER A 88 2.80 -18.62 -15.02
C SER A 88 3.67 -18.48 -16.27
N ASP A 89 4.47 -19.50 -16.56
CA ASP A 89 5.16 -19.59 -17.85
C ASP A 89 4.14 -19.49 -19.00
N LEU A 90 4.54 -18.87 -20.10
CA LEU A 90 3.61 -18.57 -21.19
C LEU A 90 4.15 -18.90 -22.58
N ARG A 91 3.31 -19.51 -23.41
CA ARG A 91 3.59 -19.66 -24.83
C ARG A 91 2.59 -18.80 -25.60
N ILE A 92 3.08 -17.80 -26.33
CA ILE A 92 2.20 -16.92 -27.09
C ILE A 92 2.63 -16.80 -28.55
N LYS A 93 1.67 -16.50 -29.41
CA LYS A 93 1.92 -16.30 -30.81
C LYS A 93 1.49 -14.86 -31.13
N VAL A 94 2.44 -14.01 -31.49
CA VAL A 94 2.17 -12.66 -32.00
C VAL A 94 3.01 -12.39 -33.22
N ALA A 95 2.45 -11.67 -34.18
CA ALA A 95 3.24 -11.18 -35.31
C ALA A 95 4.01 -9.93 -34.83
N VAL A 96 5.33 -10.10 -34.65
CA VAL A 96 6.21 -8.99 -34.23
C VAL A 96 6.80 -8.24 -35.41
N GLN A 97 7.21 -7.00 -35.16
CA GLN A 97 7.78 -6.13 -36.18
C GLN A 97 8.94 -5.33 -35.60
N ASP A 98 10.00 -5.16 -36.37
CA ASP A 98 11.18 -4.44 -35.89
C ASP A 98 10.85 -3.02 -35.43
N LYS A 99 9.99 -2.31 -36.16
CA LYS A 99 9.69 -0.91 -35.86
C LYS A 99 9.27 -0.66 -34.40
N TYR A 100 8.72 -1.68 -33.75
CA TYR A 100 8.27 -1.54 -32.36
C TYR A 100 9.41 -1.72 -31.38
N ILE A 101 10.52 -2.32 -31.81
CA ILE A 101 11.68 -2.52 -30.93
C ILE A 101 12.06 -1.18 -30.32
N PRO A 102 12.17 -1.12 -28.98
CA PRO A 102 12.50 0.14 -28.33
C PRO A 102 13.82 0.73 -28.81
N ALA A 103 13.82 2.02 -29.08
CA ALA A 103 15.02 2.76 -29.47
C ALA A 103 15.89 3.01 -28.24
N ILE A 104 15.22 3.29 -27.14
CA ILE A 104 15.86 3.51 -25.85
C ILE A 104 15.27 2.48 -24.88
N PRO A 105 16.13 1.67 -24.22
CA PRO A 105 15.69 0.58 -23.34
C PRO A 105 14.75 1.01 -22.23
N ILE A 106 13.55 0.43 -22.18
CA ILE A 106 12.56 0.86 -21.21
C ILE A 106 12.87 0.29 -19.83
N SER A 107 12.59 1.10 -18.81
CA SER A 107 12.77 0.69 -17.43
C SER A 107 11.67 1.30 -16.59
N LYS A 108 11.31 0.62 -15.51
CA LYS A 108 10.49 1.17 -14.47
C LYS A 108 11.44 1.95 -13.59
N MET A 109 11.12 3.21 -13.29
CA MET A 109 12.00 4.05 -12.47
C MET A 109 11.23 4.83 -11.40
N GLU A 110 11.95 5.23 -10.35
CA GLU A 110 11.38 5.97 -9.24
C GLU A 110 11.51 7.46 -9.50
N ALA A 111 10.39 8.19 -9.38
CA ALA A 111 10.38 9.62 -9.68
C ALA A 111 9.89 10.41 -8.47
N GLU A 112 10.30 11.68 -8.41
CA GLU A 112 9.91 12.58 -7.33
C GLU A 112 9.42 13.89 -7.92
N VAL A 113 8.23 14.32 -7.51
CA VAL A 113 7.63 15.53 -8.07
C VAL A 113 8.46 16.73 -7.61
N VAL A 114 9.00 17.45 -8.59
CA VAL A 114 9.88 18.58 -8.32
C VAL A 114 9.22 19.92 -8.65
N ALA A 115 8.38 19.97 -9.68
CA ALA A 115 7.77 21.23 -10.13
C ALA A 115 6.35 21.06 -10.62
N VAL A 116 5.49 21.99 -10.23
CA VAL A 116 4.10 22.04 -10.67
C VAL A 116 3.78 23.44 -11.18
N ARG A 117 3.03 23.51 -12.28
CA ARG A 117 2.61 24.79 -12.85
C ARG A 117 1.22 24.71 -13.47
N ALA A 118 0.32 25.58 -13.03
CA ALA A 118 -1.04 25.62 -13.55
C ALA A 118 -1.04 26.41 -14.84
N LEU A 119 -1.16 25.71 -15.97
CA LEU A 119 -1.25 26.36 -17.28
C LEU A 119 -2.64 26.96 -17.42
N THR A 120 -3.64 26.14 -17.13
CA THR A 120 -5.01 26.58 -17.00
C THR A 120 -5.58 26.03 -15.69
N HIS A 121 -6.89 26.16 -15.52
CA HIS A 121 -7.60 25.49 -14.44
C HIS A 121 -7.84 24.03 -14.84
N ASP A 122 -7.89 23.78 -16.15
CA ASP A 122 -8.07 22.43 -16.68
C ASP A 122 -6.75 21.67 -16.73
N LEU A 123 -5.64 22.39 -16.90
CA LEU A 123 -4.35 21.79 -17.24
C LEU A 123 -3.26 22.12 -16.23
N LEU A 124 -2.42 21.14 -15.93
CA LEU A 124 -1.39 21.24 -14.90
C LEU A 124 -0.11 20.56 -15.35
N SER A 125 1.00 21.28 -15.28
CA SER A 125 2.31 20.74 -15.66
C SER A 125 3.06 20.23 -14.45
N VAL A 126 3.42 18.95 -14.48
CA VAL A 126 4.18 18.32 -13.41
C VAL A 126 5.51 17.84 -13.95
N LYS A 127 6.59 18.27 -13.32
CA LYS A 127 7.94 17.89 -13.71
C LYS A 127 8.53 16.99 -12.63
N LEU A 128 8.98 15.81 -13.03
CA LEU A 128 9.49 14.81 -12.08
C LEU A 128 10.97 14.52 -12.31
N ARG A 129 11.67 14.21 -11.22
CA ARG A 129 13.09 13.89 -11.26
C ARG A 129 13.31 12.39 -11.01
N THR A 130 14.01 11.74 -11.93
CA THR A 130 14.50 10.37 -11.73
C THR A 130 15.99 10.40 -11.37
N ASP A 131 16.51 9.29 -10.87
CA ASP A 131 17.95 9.15 -10.58
C ASP A 131 18.77 9.09 -11.89
N VAL A 132 18.25 8.37 -12.87
CA VAL A 132 18.91 8.18 -14.17
C VAL A 132 18.61 9.34 -15.13
N PRO A 133 19.43 9.50 -16.19
CA PRO A 133 19.14 10.49 -17.22
C PRO A 133 17.77 10.29 -17.87
N ALA A 134 17.13 11.36 -18.29
CA ALA A 134 15.82 11.24 -18.93
C ALA A 134 15.98 11.10 -20.44
N ASN A 135 16.38 9.92 -20.88
CA ASN A 135 16.53 9.66 -22.30
C ASN A 135 15.20 9.24 -22.86
N PHE A 136 14.69 10.02 -23.81
CA PHE A 136 13.48 9.69 -24.54
C PHE A 136 13.40 10.49 -25.83
N LEU A 137 12.74 9.93 -26.83
CA LEU A 137 12.60 10.58 -28.11
C LEU A 137 11.43 11.57 -28.05
N PRO A 138 11.55 12.71 -28.77
CA PRO A 138 10.50 13.71 -28.76
C PRO A 138 9.15 13.16 -29.22
N GLY A 139 8.16 13.26 -28.35
CA GLY A 139 6.81 12.76 -28.62
C GLY A 139 6.49 11.42 -27.97
N GLN A 140 7.40 10.89 -27.18
CA GLN A 140 7.16 9.60 -26.47
C GLN A 140 6.45 9.80 -25.15
N PHE A 141 6.03 8.70 -24.52
CA PHE A 141 5.29 8.77 -23.26
C PHE A 141 5.76 7.77 -22.22
N CYS A 142 5.34 7.98 -20.99
CA CYS A 142 5.57 7.04 -19.91
C CYS A 142 4.24 6.59 -19.35
N LEU A 143 4.19 5.32 -18.92
CA LEU A 143 3.09 4.83 -18.10
C LEU A 143 3.43 5.18 -16.66
N ILE A 144 2.52 5.92 -16.03
CA ILE A 144 2.76 6.53 -14.74
C ILE A 144 1.80 5.91 -13.72
N GLU A 145 2.37 5.32 -12.67
CA GLU A 145 1.60 4.68 -11.62
C GLU A 145 1.75 5.45 -10.32
N ALA A 146 0.85 5.18 -9.38
CA ALA A 146 0.92 5.77 -8.05
C ALA A 146 0.49 4.75 -7.01
N GLU A 147 1.41 4.43 -6.10
CA GLU A 147 1.24 3.36 -5.10
C GLU A 147 -0.11 3.35 -4.37
N GLN A 148 -0.59 4.54 -4.00
CA GLN A 148 -1.86 4.68 -3.27
C GLN A 148 -3.03 4.18 -4.12
N LEU A 149 -2.94 4.39 -5.44
CA LEU A 149 -3.94 3.91 -6.40
C LEU A 149 -3.46 2.63 -7.09
N PRO A 150 -3.89 1.46 -6.60
CA PRO A 150 -3.39 0.20 -7.19
C PRO A 150 -4.24 -0.29 -8.36
N GLY A 151 -3.57 -0.65 -9.45
CA GLY A 151 -4.22 -1.13 -10.67
C GLY A 151 -4.64 -0.02 -11.60
N VAL A 152 -3.97 1.13 -11.51
CA VAL A 152 -4.26 2.25 -12.40
C VAL A 152 -2.93 2.83 -12.92
N VAL A 153 -2.61 2.43 -14.15
CA VAL A 153 -1.46 2.92 -14.88
C VAL A 153 -2.04 3.81 -15.98
N ARG A 154 -1.40 4.95 -16.28
CA ARG A 154 -1.96 5.89 -17.26
C ARG A 154 -0.89 6.53 -18.12
N ALA A 155 -1.05 6.41 -19.43
CA ALA A 155 -0.10 7.02 -20.38
C ALA A 155 -0.16 8.57 -20.37
N TYR A 156 1.01 9.19 -20.33
CA TYR A 156 1.13 10.62 -20.38
C TYR A 156 2.32 11.03 -21.23
N SER A 157 2.07 11.88 -22.23
CA SER A 157 3.12 12.34 -23.15
C SER A 157 4.10 13.27 -22.46
N MET A 158 5.39 13.08 -22.76
CA MET A 158 6.42 14.01 -22.35
C MET A 158 6.27 15.38 -23.10
N ALA A 159 6.41 16.46 -22.35
CA ALA A 159 6.33 17.81 -22.85
C ALA A 159 7.73 18.36 -23.09
N ASN A 160 8.60 18.17 -22.11
CA ASN A 160 9.99 18.59 -22.19
C ASN A 160 10.81 17.74 -23.16
N SER A 161 12.11 18.01 -23.20
CA SER A 161 13.03 17.28 -24.06
C SER A 161 14.02 16.50 -23.21
N MET A 162 14.64 15.51 -23.85
CA MET A 162 15.62 14.64 -23.22
C MET A 162 16.77 15.43 -22.64
N ASN A 163 17.14 15.12 -21.40
CA ASN A 163 18.16 15.88 -20.68
C ASN A 163 18.98 15.04 -19.70
N PRO A 164 20.23 15.48 -19.42
CA PRO A 164 21.15 14.71 -18.58
C PRO A 164 20.75 14.63 -17.10
N ASP A 165 20.02 15.62 -16.59
CA ASP A 165 19.72 15.69 -15.15
C ASP A 165 18.38 15.02 -14.75
N GLY A 166 17.80 14.25 -15.67
CA GLY A 166 16.72 13.34 -15.34
C GLY A 166 15.38 13.96 -15.01
N PHE A 167 15.00 14.99 -15.77
CA PHE A 167 13.66 15.59 -15.61
C PHE A 167 12.65 15.04 -16.60
N TRP A 168 11.44 14.77 -16.13
CA TRP A 168 10.34 14.31 -16.96
C TRP A 168 9.13 15.18 -16.66
N GLU A 169 8.62 15.88 -17.67
CA GLU A 169 7.51 16.80 -17.51
C GLU A 169 6.30 16.33 -18.30
N PHE A 170 5.12 16.47 -17.71
CA PHE A 170 3.86 16.05 -18.31
C PHE A 170 2.80 17.12 -18.07
N TYR A 171 1.99 17.42 -19.07
CA TYR A 171 0.79 18.20 -18.86
C TYR A 171 -0.32 17.19 -18.69
N ILE A 172 -1.00 17.22 -17.55
CA ILE A 172 -2.18 16.36 -17.36
C ILE A 172 -3.45 17.23 -17.26
N LYS A 173 -4.50 16.80 -17.96
CA LYS A 173 -5.79 17.50 -17.93
C LYS A 173 -6.70 16.85 -16.87
N ARG A 174 -7.45 17.66 -16.13
CA ARG A 174 -8.33 17.14 -15.10
C ARG A 174 -9.62 16.56 -15.68
N VAL A 175 -9.87 15.29 -15.39
CA VAL A 175 -11.09 14.61 -15.81
C VAL A 175 -11.89 14.19 -14.58
N PRO A 176 -12.95 14.95 -14.23
CA PRO A 176 -13.84 14.42 -13.21
C PRO A 176 -14.54 13.21 -13.78
N THR A 177 -14.79 12.19 -12.95
CA THR A 177 -15.26 10.88 -13.39
C THR A 177 -14.06 9.94 -13.63
N GLY A 178 -12.86 10.47 -13.52
CA GLY A 178 -11.64 9.67 -13.70
C GLY A 178 -11.09 9.21 -12.37
N ARG A 179 -10.03 8.41 -12.43
CA ARG A 179 -9.37 7.88 -11.24
C ARG A 179 -8.09 8.62 -10.96
N PHE A 180 -7.17 8.63 -11.92
CA PHE A 180 -5.83 9.19 -11.69
C PHE A 180 -5.77 10.71 -11.78
N SER A 181 -6.54 11.31 -12.67
CA SER A 181 -6.48 12.75 -12.90
C SER A 181 -6.92 13.56 -11.68
N PRO A 182 -8.03 13.16 -11.03
CA PRO A 182 -8.39 13.85 -9.78
C PRO A 182 -7.48 13.42 -8.63
N TRP A 183 -6.19 13.70 -8.76
CA TRP A 183 -5.19 13.34 -7.76
C TRP A 183 -4.04 14.33 -7.76
N LEU A 184 -3.42 14.48 -8.92
CA LEU A 184 -2.34 15.44 -9.09
C LEU A 184 -3.02 16.79 -9.07
N PHE A 185 -4.31 16.77 -9.43
CA PHE A 185 -5.18 17.94 -9.33
C PHE A 185 -5.77 18.15 -7.95
N GLU A 186 -5.57 17.20 -7.03
CA GLU A 186 -6.09 17.38 -5.69
C GLU A 186 -5.08 17.05 -4.58
N ASN A 187 -4.75 15.77 -4.43
CA ASN A 187 -4.00 15.32 -3.25
C ASN A 187 -2.55 14.95 -3.55
N ARG A 188 -1.81 15.90 -4.13
CA ARG A 188 -0.40 15.70 -4.42
C ARG A 188 0.35 17.02 -4.54
N LYS A 189 1.62 17.01 -4.16
CA LYS A 189 2.43 18.22 -4.17
C LYS A 189 3.91 17.87 -4.33
N VAL A 190 4.75 18.90 -4.34
CA VAL A 190 6.21 18.72 -4.45
C VAL A 190 6.71 17.74 -3.40
N GLY A 191 7.42 16.71 -3.87
CA GLY A 191 7.95 15.66 -3.00
C GLY A 191 7.16 14.38 -3.09
N ALA A 192 6.04 14.41 -3.82
CA ALA A 192 5.23 13.21 -4.01
C ALA A 192 6.00 12.21 -4.85
N ARG A 193 5.74 10.93 -4.63
CA ARG A 193 6.49 9.85 -5.27
C ARG A 193 5.64 9.12 -6.29
N LEU A 194 6.20 8.98 -7.49
CA LEU A 194 5.53 8.33 -8.61
C LEU A 194 6.48 7.36 -9.30
N PHE A 195 5.91 6.36 -9.96
CA PHE A 195 6.69 5.39 -10.76
C PHE A 195 6.47 5.63 -12.25
N LEU A 196 7.56 5.79 -12.97
CA LEU A 196 7.57 6.03 -14.41
C LEU A 196 8.01 4.78 -15.17
N THR A 197 7.15 4.27 -16.04
CA THR A 197 7.53 3.15 -16.88
C THR A 197 7.63 3.66 -18.34
N GLY A 198 8.84 3.72 -18.86
CA GLY A 198 9.07 4.22 -20.21
C GLY A 198 10.55 4.29 -20.58
N PRO A 199 10.90 4.89 -21.73
CA PRO A 199 10.00 5.62 -22.64
C PRO A 199 9.22 4.70 -23.56
N MET A 200 7.97 5.03 -23.80
CA MET A 200 7.10 4.25 -24.69
C MET A 200 6.70 5.10 -25.89
N GLY A 201 6.35 4.44 -27.00
CA GLY A 201 5.72 5.10 -28.14
C GLY A 201 6.50 4.97 -29.43
N THR A 202 5.78 4.76 -30.52
CA THR A 202 6.38 4.74 -31.84
C THR A 202 5.97 5.93 -32.70
N SER A 203 5.26 6.90 -32.12
CA SER A 203 4.84 8.15 -32.83
C SER A 203 5.81 9.35 -32.59
N PHE A 204 7.08 9.03 -32.33
CA PHE A 204 8.08 10.02 -31.94
C PHE A 204 8.60 10.74 -33.15
N PHE A 205 9.42 11.76 -32.92
CA PHE A 205 9.91 12.65 -33.99
C PHE A 205 10.89 11.96 -34.94
N ARG A 206 10.60 12.04 -36.24
CA ARG A 206 11.49 11.51 -37.28
C ARG A 206 12.36 12.62 -37.84
N PRO A 207 13.68 12.51 -37.70
CA PRO A 207 14.62 13.47 -38.27
C PRO A 207 15.16 13.02 -39.62
N GLY A 208 15.58 13.99 -40.42
CA GLY A 208 16.27 13.68 -41.68
C GLY A 208 15.36 13.19 -42.78
N THR A 209 14.06 13.48 -42.67
CA THR A 209 13.13 13.26 -43.78
C THR A 209 13.31 14.34 -44.90
N GLY A 210 13.80 15.52 -44.55
CA GLY A 210 13.97 16.62 -45.51
C GLY A 210 12.65 17.27 -45.93
N ARG A 211 11.81 17.55 -44.92
CA ARG A 211 10.41 17.95 -45.14
C ARG A 211 9.95 18.96 -44.08
N LYS A 212 8.86 19.66 -44.39
CA LYS A 212 8.24 20.57 -43.43
C LYS A 212 7.60 19.77 -42.30
N SER A 213 7.43 20.40 -41.13
CA SER A 213 6.90 19.69 -39.96
C SER A 213 5.65 20.37 -39.38
N LEU A 214 4.50 19.68 -39.44
CA LEU A 214 3.23 20.23 -38.94
C LEU A 214 2.79 19.49 -37.71
N CYS A 215 2.41 20.24 -36.68
CA CYS A 215 2.03 19.68 -35.39
C CYS A 215 0.61 20.10 -35.08
N ILE A 216 -0.22 19.13 -34.74
CA ILE A 216 -1.60 19.40 -34.40
C ILE A 216 -1.95 18.62 -33.14
N GLY A 217 -2.22 19.35 -32.05
CA GLY A 217 -2.51 18.76 -30.76
C GLY A 217 -3.87 19.23 -30.27
N GLY A 218 -4.71 18.30 -29.84
CA GLY A 218 -6.06 18.62 -29.36
C GLY A 218 -6.19 18.32 -27.88
N GLY A 219 -6.76 19.27 -27.13
CA GLY A 219 -6.97 19.09 -25.69
C GLY A 219 -5.67 18.93 -24.93
N ALA A 220 -5.50 17.79 -24.28
CA ALA A 220 -4.27 17.48 -23.54
C ALA A 220 -3.11 17.11 -24.47
N GLY A 221 -3.42 16.86 -25.74
CA GLY A 221 -2.42 16.60 -26.77
C GLY A 221 -1.47 17.76 -27.07
N LEU A 222 -1.44 18.76 -26.20
CA LEU A 222 -0.49 19.87 -26.29
C LEU A 222 0.94 19.36 -26.04
N SER A 223 1.09 18.49 -25.04
CA SER A 223 2.39 17.93 -24.67
C SER A 223 3.10 17.33 -25.87
N TYR A 224 2.43 16.40 -26.53
CA TYR A 224 3.01 15.71 -27.66
C TYR A 224 3.33 16.71 -28.78
N ALA A 225 2.36 17.57 -29.09
CA ALA A 225 2.52 18.57 -30.15
C ALA A 225 3.65 19.56 -29.84
N ALA A 226 3.70 20.04 -28.60
CA ALA A 226 4.78 20.92 -28.18
C ALA A 226 6.12 20.26 -28.42
N ALA A 227 6.31 19.09 -27.81
CA ALA A 227 7.57 18.34 -27.87
C ALA A 227 8.09 18.13 -29.28
N ILE A 228 7.18 17.80 -30.20
CA ILE A 228 7.53 17.67 -31.62
C ILE A 228 7.97 19.02 -32.19
N ALA A 229 7.14 20.04 -31.98
CA ALA A 229 7.40 21.36 -32.55
C ALA A 229 8.70 21.93 -32.00
N ARG A 230 8.94 21.73 -30.71
CA ARG A 230 10.15 22.23 -30.06
C ARG A 230 11.39 21.43 -30.47
N ALA A 231 11.19 20.32 -31.17
CA ALA A 231 12.28 19.55 -31.75
C ALA A 231 12.45 19.89 -33.22
N SER A 232 11.35 20.17 -33.90
CA SER A 232 11.38 20.53 -35.32
C SER A 232 12.28 21.76 -35.61
N ILE A 233 12.18 22.77 -34.74
CA ILE A 233 12.98 23.99 -34.92
C ILE A 233 14.44 23.80 -34.48
N ARG A 234 14.66 22.88 -33.54
CA ARG A 234 16.01 22.49 -33.15
C ARG A 234 16.70 21.79 -34.33
N GLU A 235 15.93 21.06 -35.12
CA GLU A 235 16.47 20.29 -36.25
C GLU A 235 16.93 21.18 -37.41
N THR A 236 16.12 22.19 -37.73
CA THR A 236 16.42 23.03 -38.87
C THR A 236 16.11 24.52 -38.65
N ASP A 237 15.06 24.84 -37.90
CA ASP A 237 14.57 26.22 -37.76
C ASP A 237 14.00 26.71 -39.10
N LYS A 238 13.39 25.77 -39.83
CA LYS A 238 12.61 26.07 -41.02
C LYS A 238 11.18 26.26 -40.54
N PRO A 239 10.33 26.93 -41.33
CA PRO A 239 8.97 27.21 -40.84
C PRO A 239 8.31 25.97 -40.24
N VAL A 240 8.04 26.01 -38.93
CA VAL A 240 7.42 24.88 -38.22
C VAL A 240 6.05 25.28 -37.67
N LYS A 241 5.01 24.51 -38.01
CA LYS A 241 3.62 24.84 -37.66
C LYS A 241 3.04 24.01 -36.49
N LEU A 242 2.35 24.71 -35.58
CA LEU A 242 1.75 24.11 -34.39
C LEU A 242 0.35 24.66 -34.16
N PHE A 243 -0.64 23.78 -34.22
CA PHE A 243 -2.02 24.13 -33.89
C PHE A 243 -2.39 23.62 -32.50
N TYR A 244 -3.30 24.32 -31.84
CA TYR A 244 -3.84 23.85 -30.55
C TYR A 244 -5.37 23.84 -30.56
N GLY A 245 -5.95 22.80 -29.99
CA GLY A 245 -7.40 22.63 -29.91
C GLY A 245 -7.92 22.72 -28.49
N SER A 246 -8.92 23.59 -28.30
CA SER A 246 -9.57 23.74 -27.01
C SER A 246 -11.04 24.07 -27.24
N ARG A 247 -11.90 23.69 -26.30
CA ARG A 247 -13.35 23.87 -26.47
C ARG A 247 -13.74 25.34 -26.25
N THR A 248 -13.38 25.88 -25.09
CA THR A 248 -13.66 27.27 -24.75
C THR A 248 -12.39 28.08 -25.04
N PRO A 249 -12.55 29.32 -25.51
CA PRO A 249 -11.39 30.23 -25.62
C PRO A 249 -10.73 30.53 -24.28
N ARG A 250 -11.26 29.96 -23.19
CA ARG A 250 -10.71 30.16 -21.87
C ARG A 250 -9.93 28.96 -21.31
N ASP A 251 -9.73 27.92 -22.12
CA ASP A 251 -8.66 26.96 -21.84
C ASP A 251 -7.37 27.68 -22.20
N ALA A 252 -6.91 28.51 -21.26
CA ALA A 252 -5.90 29.55 -21.50
C ALA A 252 -4.72 29.11 -22.37
N VAL A 253 -4.48 29.88 -23.42
CA VAL A 253 -3.42 29.58 -24.36
C VAL A 253 -2.27 30.50 -24.06
N ARG A 254 -1.13 29.91 -23.69
CA ARG A 254 0.07 30.67 -23.39
C ARG A 254 1.26 30.01 -24.04
N TRP A 255 2.31 30.80 -24.30
CA TRP A 255 3.46 30.32 -25.09
C TRP A 255 4.79 30.34 -24.37
N ILE A 256 4.97 31.32 -23.50
CA ILE A 256 6.03 31.27 -22.50
C ILE A 256 5.75 30.20 -21.43
N ASP A 257 4.46 29.97 -21.14
CA ASP A 257 4.04 28.85 -20.28
C ASP A 257 4.31 27.50 -20.96
N ILE A 258 4.30 27.50 -22.29
CA ILE A 258 4.60 26.30 -23.09
C ILE A 258 6.04 26.34 -23.68
N ASP A 259 6.75 27.47 -23.49
CA ASP A 259 8.25 27.61 -23.41
C ASP A 259 9.25 27.50 -24.62
N ILE A 260 8.75 27.58 -25.84
CA ILE A 260 9.57 27.58 -27.10
C ILE A 260 10.21 28.96 -27.47
N ASP A 261 10.76 29.04 -28.70
CA ASP A 261 10.93 30.24 -29.56
C ASP A 261 9.55 30.76 -29.99
N GLU A 262 8.96 31.55 -29.10
CA GLU A 262 7.77 32.35 -29.39
C GLU A 262 7.83 33.01 -30.79
N ASP A 263 8.99 33.53 -31.16
CA ASP A 263 9.20 34.20 -32.43
C ASP A 263 9.34 33.25 -33.62
N LYS A 264 10.01 32.11 -33.40
CA LYS A 264 10.30 31.15 -34.49
C LYS A 264 9.32 29.97 -34.52
N LEU A 265 8.23 30.08 -33.76
CA LEU A 265 7.14 29.12 -33.82
C LEU A 265 5.84 29.92 -33.94
N GLU A 266 5.15 29.76 -35.06
CA GLU A 266 3.87 30.44 -35.25
C GLU A 266 2.75 29.48 -34.85
N VAL A 267 2.12 29.82 -33.75
CA VAL A 267 0.97 29.11 -33.29
C VAL A 267 -0.27 29.52 -34.06
N VAL A 268 -1.11 28.53 -34.30
CA VAL A 268 -2.45 28.73 -34.78
C VAL A 268 -3.28 27.89 -33.83
N GLN A 269 -3.40 28.38 -32.61
CA GLN A 269 -4.38 27.89 -31.64
C GLN A 269 -5.80 28.03 -32.17
N ALA A 270 -6.48 26.89 -32.33
CA ALA A 270 -7.87 26.88 -32.76
C ALA A 270 -8.75 26.74 -31.53
N VAL A 271 -9.73 27.62 -31.41
CA VAL A 271 -10.64 27.63 -30.29
C VAL A 271 -12.06 27.47 -30.78
N THR A 272 -12.52 26.21 -30.76
CA THR A 272 -13.89 25.84 -31.04
C THR A 272 -14.90 26.74 -30.33
N PHE A 285 -14.00 22.90 -34.94
CA PHE A 285 -13.02 21.86 -34.62
C PHE A 285 -11.77 22.18 -35.38
N ILE A 286 -10.63 21.95 -34.73
CA ILE A 286 -9.38 22.39 -35.29
C ILE A 286 -9.26 21.93 -36.74
N HIS A 287 -9.50 20.64 -36.94
CA HIS A 287 -9.08 19.95 -38.19
C HIS A 287 -9.73 20.53 -39.49
N GLN A 288 -10.46 21.62 -39.33
CA GLN A 288 -11.06 22.34 -40.45
C GLN A 288 -10.23 23.57 -40.82
N VAL A 289 -9.73 24.29 -39.83
CA VAL A 289 -8.88 25.46 -40.07
C VAL A 289 -7.52 25.03 -40.66
N VAL A 290 -7.09 23.82 -40.30
CA VAL A 290 -5.84 23.26 -40.81
C VAL A 290 -5.97 22.99 -42.30
N ASP A 291 -7.12 22.46 -42.69
CA ASP A 291 -7.47 22.30 -44.11
C ASP A 291 -7.72 23.66 -44.78
N ALA A 292 -8.18 24.65 -44.00
CA ALA A 292 -8.48 25.97 -44.53
C ALA A 292 -7.23 26.75 -44.91
N ALA A 293 -6.28 26.86 -43.99
CA ALA A 293 -5.07 27.66 -44.20
C ALA A 293 -4.07 26.98 -45.14
N LEU A 294 -3.87 25.67 -44.96
CA LEU A 294 -2.85 24.93 -45.69
C LEU A 294 -3.35 24.32 -47.01
N LEU A 295 -4.67 24.23 -47.18
CA LEU A 295 -5.30 23.82 -48.44
C LEU A 295 -4.65 22.56 -49.05
N GLU A 296 -3.81 22.75 -50.07
CA GLU A 296 -3.16 21.66 -50.80
C GLU A 296 -1.64 21.64 -50.54
N THR A 297 -1.19 22.42 -49.56
CA THR A 297 0.19 22.42 -49.10
C THR A 297 0.50 21.16 -48.26
N LEU A 298 -0.54 20.48 -47.78
CA LEU A 298 -0.41 19.35 -46.87
C LEU A 298 0.62 18.27 -47.26
N PRO A 299 0.47 17.67 -48.45
CA PRO A 299 1.32 16.52 -48.85
C PRO A 299 2.83 16.72 -48.69
N GLU A 300 3.30 17.96 -48.76
CA GLU A 300 4.73 18.27 -48.58
C GLU A 300 5.12 18.42 -47.11
N TYR A 301 4.17 18.21 -46.20
CA TYR A 301 4.45 18.21 -44.76
C TYR A 301 4.56 16.82 -44.22
N GLU A 302 5.41 16.67 -43.21
CA GLU A 302 5.35 15.56 -42.25
C GLU A 302 4.49 16.09 -41.11
N ILE A 303 3.41 15.39 -40.81
CA ILE A 303 2.40 15.86 -39.88
C ILE A 303 2.35 14.97 -38.61
N TYR A 304 2.18 15.60 -37.44
CA TYR A 304 2.18 14.92 -36.13
C TYR A 304 0.96 15.32 -35.30
N LEU A 305 0.31 14.32 -34.70
CA LEU A 305 -1.07 14.47 -34.22
C LEU A 305 -1.28 13.83 -32.84
N ALA A 306 -1.96 14.56 -31.94
CA ALA A 306 -2.27 14.04 -30.60
C ALA A 306 -3.53 14.69 -30.04
N GLY A 307 -4.16 13.97 -29.11
CA GLY A 307 -5.42 14.41 -28.49
C GLY A 307 -6.37 13.24 -28.32
N PRO A 308 -7.60 13.52 -27.82
CA PRO A 308 -8.64 12.50 -27.69
C PRO A 308 -8.90 11.76 -29.00
N PRO A 309 -9.28 10.46 -28.93
CA PRO A 309 -9.49 9.64 -30.14
C PRO A 309 -10.43 10.20 -31.22
N PRO A 310 -11.57 10.79 -30.85
CA PRO A 310 -12.48 11.25 -31.91
C PRO A 310 -11.90 12.37 -32.76
N MET A 311 -11.23 13.31 -32.11
CA MET A 311 -10.55 14.41 -32.79
C MET A 311 -9.36 13.92 -33.62
N VAL A 312 -8.64 12.92 -33.12
CA VAL A 312 -7.49 12.37 -33.83
C VAL A 312 -7.93 11.46 -34.97
N ASP A 313 -8.81 10.50 -34.67
CA ASP A 313 -9.28 9.53 -35.68
C ASP A 313 -10.00 10.19 -36.86
N ALA A 314 -10.44 11.44 -36.70
CA ALA A 314 -11.10 12.21 -37.77
C ALA A 314 -10.12 12.97 -38.65
N THR A 315 -9.08 13.53 -38.03
CA THR A 315 -8.06 14.30 -38.73
C THR A 315 -7.28 13.44 -39.74
N VAL A 316 -7.12 12.15 -39.41
CA VAL A 316 -6.31 11.24 -40.22
C VAL A 316 -6.89 11.00 -41.63
N ARG A 317 -8.21 11.06 -41.78
CA ARG A 317 -8.84 10.83 -43.10
C ARG A 317 -8.92 12.10 -43.95
N MET A 318 -9.23 13.23 -43.31
CA MET A 318 -9.20 14.54 -43.95
C MET A 318 -7.81 14.80 -44.55
N LEU A 319 -6.78 14.30 -43.86
CA LEU A 319 -5.40 14.40 -44.29
C LEU A 319 -5.06 13.34 -45.34
N LEU A 320 -5.56 12.12 -45.11
CA LEU A 320 -5.32 10.99 -46.01
C LEU A 320 -6.02 11.17 -47.36
N GLY A 321 -7.28 11.65 -47.30
CA GLY A 321 -8.05 11.94 -48.51
C GLY A 321 -7.56 13.14 -49.28
N LYS A 322 -6.77 14.01 -48.62
CA LYS A 322 -6.18 15.18 -49.27
C LYS A 322 -4.74 14.93 -49.72
N GLY A 323 -4.46 13.71 -50.19
CA GLY A 323 -3.18 13.40 -50.82
C GLY A 323 -2.12 12.76 -49.94
N VAL A 324 -2.07 13.17 -48.68
CA VAL A 324 -0.96 12.83 -47.77
C VAL A 324 -0.76 11.30 -47.62
N PRO A 325 0.45 10.80 -47.99
CA PRO A 325 0.78 9.38 -47.86
C PRO A 325 0.74 8.86 -46.41
N ARG A 326 0.31 7.61 -46.25
CA ARG A 326 0.08 7.00 -44.92
C ARG A 326 1.27 7.09 -43.97
N ASP A 327 2.42 6.74 -44.52
CA ASP A 327 3.74 6.82 -43.88
C ASP A 327 4.26 8.24 -43.53
N GLN A 328 3.52 9.27 -43.93
CA GLN A 328 3.93 10.64 -43.67
C GLN A 328 3.17 11.24 -42.47
N ILE A 329 2.26 10.45 -41.92
CA ILE A 329 1.41 10.88 -40.80
C ILE A 329 1.79 10.10 -39.54
N HIS A 330 1.83 10.80 -38.41
CA HIS A 330 2.22 10.20 -37.14
C HIS A 330 1.27 10.68 -36.04
N PHE A 331 0.82 9.76 -35.18
CA PHE A 331 -0.17 10.12 -34.16
C PHE A 331 -0.27 9.17 -32.97
N ASP A 332 -0.56 9.73 -31.79
CA ASP A 332 -0.91 8.95 -30.58
C ASP A 332 -2.30 9.38 -30.11
N ALA A 333 -3.26 8.45 -30.19
CA ALA A 333 -4.63 8.71 -29.76
C ALA A 333 -4.78 8.47 -28.25
N PHE A 334 -5.29 9.47 -27.53
CA PHE A 334 -5.33 9.45 -26.07
C PHE A 334 -6.46 8.59 -25.53
N PHE A 335 -6.37 7.28 -25.75
CA PHE A 335 -7.31 6.32 -25.18
C PHE A 335 -7.16 6.33 -23.66
N HIS B 3 -1.97 -9.71 2.53
CA HIS B 3 -0.71 -9.50 1.75
C HIS B 3 0.16 -10.77 1.82
N HIS B 4 -0.04 -11.69 0.86
CA HIS B 4 0.49 -13.05 0.97
C HIS B 4 2.01 -13.11 0.94
N HIS B 5 2.57 -14.08 1.64
CA HIS B 5 4.01 -14.34 1.58
C HIS B 5 4.30 -15.79 1.21
N HIS B 6 5.47 -15.99 0.61
CA HIS B 6 5.93 -17.30 0.24
C HIS B 6 7.08 -17.62 1.14
N HIS B 7 7.21 -18.90 1.49
CA HIS B 7 8.32 -19.38 2.30
C HIS B 7 9.11 -20.42 1.51
N TYR B 8 10.42 -20.22 1.46
CA TYR B 8 11.35 -21.12 0.76
C TYR B 8 12.40 -21.65 1.71
N GLN B 9 13.33 -22.43 1.17
CA GLN B 9 14.44 -22.97 1.94
C GLN B 9 15.72 -22.16 1.65
N LEU B 10 16.42 -21.78 2.72
CA LEU B 10 17.70 -21.09 2.62
C LEU B 10 18.85 -22.01 3.04
N LYS B 11 19.72 -22.34 2.09
CA LYS B 11 20.85 -23.23 2.32
C LYS B 11 22.16 -22.48 2.24
N ILE B 12 22.81 -22.29 3.38
CA ILE B 12 24.11 -21.65 3.42
C ILE B 12 25.18 -22.76 3.45
N GLU B 13 26.15 -22.65 2.56
CA GLU B 13 27.18 -23.68 2.44
C GLU B 13 27.88 -23.86 3.78
N GLY B 14 27.81 -25.09 4.31
CA GLY B 14 28.40 -25.42 5.59
C GLY B 14 27.39 -25.51 6.72
N GLN B 15 26.48 -24.55 6.78
CA GLN B 15 25.49 -24.47 7.86
C GLN B 15 24.32 -25.43 7.69
N ALA B 16 23.54 -25.59 8.74
CA ALA B 16 22.35 -26.43 8.71
C ALA B 16 21.27 -25.70 7.91
N PRO B 17 20.44 -26.46 7.15
CA PRO B 17 19.38 -25.86 6.35
C PRO B 17 18.47 -24.94 7.14
N GLY B 18 18.11 -23.81 6.55
CA GLY B 18 17.26 -22.81 7.19
C GLY B 18 16.03 -22.51 6.36
N THR B 19 15.33 -21.44 6.72
CA THR B 19 14.18 -20.97 5.97
C THR B 19 14.36 -19.52 5.58
N CYS B 20 13.69 -19.12 4.50
CA CYS B 20 13.65 -17.74 4.04
C CYS B 20 12.36 -17.49 3.27
N GLY B 21 12.12 -16.25 2.86
CA GLY B 21 10.85 -15.93 2.20
C GLY B 21 10.82 -14.60 1.47
N SER B 22 9.65 -14.25 0.96
CA SER B 22 9.46 -12.99 0.26
C SER B 22 9.09 -11.87 1.24
N ASP B 23 8.83 -12.22 2.50
CA ASP B 23 8.33 -11.28 3.51
C ASP B 23 9.41 -10.64 4.37
N LYS B 24 10.57 -11.25 4.45
CA LYS B 24 11.67 -10.71 5.24
C LYS B 24 13.02 -10.91 4.55
N SER B 25 13.99 -10.07 4.91
CA SER B 25 15.31 -10.07 4.28
C SER B 25 16.07 -11.36 4.57
N LEU B 26 17.04 -11.66 3.71
CA LEU B 26 17.91 -12.80 3.91
C LEU B 26 18.71 -12.69 5.21
N LEU B 27 18.94 -11.46 5.68
CA LEU B 27 19.66 -11.24 6.93
C LEU B 27 18.82 -11.65 8.15
N VAL B 28 17.59 -11.13 8.21
CA VAL B 28 16.68 -11.43 9.33
C VAL B 28 16.07 -12.83 9.24
N SER B 29 16.18 -13.43 8.05
CA SER B 29 15.86 -14.84 7.88
C SER B 29 16.95 -15.69 8.53
N ALA B 30 18.20 -15.27 8.32
CA ALA B 30 19.35 -16.00 8.86
C ALA B 30 19.47 -15.78 10.37
N LEU B 31 19.29 -14.54 10.80
CA LEU B 31 19.36 -14.22 12.24
C LEU B 31 18.24 -14.91 13.04
N ALA B 32 17.02 -14.91 12.50
CA ALA B 32 15.88 -15.58 13.14
C ALA B 32 16.08 -17.10 13.25
N ASN B 33 16.98 -17.64 12.44
CA ASN B 33 17.35 -19.04 12.50
C ASN B 33 18.56 -19.26 13.41
N GLY B 34 19.07 -18.18 14.00
CA GLY B 34 20.24 -18.22 14.87
C GLY B 34 21.54 -18.47 14.12
N ILE B 35 21.64 -17.93 12.91
CA ILE B 35 22.81 -18.14 12.05
C ILE B 35 23.57 -16.83 11.97
N GLY B 36 24.84 -16.84 12.37
CA GLY B 36 25.66 -15.62 12.40
C GLY B 36 26.07 -15.04 11.04
N LEU B 37 25.10 -14.63 10.24
CA LEU B 37 25.41 -14.02 8.94
C LEU B 37 25.99 -12.64 9.24
N PRO B 38 27.18 -12.33 8.72
CA PRO B 38 27.82 -11.07 9.06
C PRO B 38 27.02 -9.83 8.58
N TYR B 39 26.84 -8.86 9.47
CA TYR B 39 26.11 -7.65 9.19
C TYR B 39 26.52 -6.54 10.15
N GLU B 40 26.35 -5.29 9.76
CA GLU B 40 26.61 -4.17 10.65
C GLU B 40 25.42 -3.21 10.67
N CYS B 41 25.10 -2.62 9.51
CA CYS B 41 24.09 -1.57 9.42
C CYS B 41 22.68 -2.10 9.11
N ALA B 42 22.62 -3.22 8.40
CA ALA B 42 21.35 -3.84 7.98
C ALA B 42 20.51 -2.93 7.07
N SER B 43 21.17 -1.97 6.43
CA SER B 43 20.49 -1.01 5.59
C SER B 43 21.33 -0.64 4.36
N GLY B 44 22.08 -1.61 3.85
CA GLY B 44 22.70 -1.53 2.52
C GLY B 44 23.93 -0.66 2.35
N GLY B 45 24.62 -0.36 3.45
CA GLY B 45 25.76 0.59 3.41
C GLY B 45 27.13 -0.02 3.63
N CYS B 46 27.30 -0.68 4.78
CA CYS B 46 28.60 -1.17 5.21
C CYS B 46 29.20 -2.12 4.19
N GLY B 47 28.40 -3.06 3.69
CA GLY B 47 28.86 -4.06 2.71
C GLY B 47 29.17 -5.42 3.32
N VAL B 48 29.04 -5.49 4.64
CA VAL B 48 29.50 -6.65 5.41
C VAL B 48 28.60 -7.88 5.19
N CYS B 49 27.36 -7.65 4.77
CA CYS B 49 26.38 -8.72 4.48
C CYS B 49 26.56 -9.37 3.12
N LYS B 50 27.58 -8.97 2.36
CA LYS B 50 27.78 -9.47 1.01
C LYS B 50 27.81 -11.00 1.01
N PHE B 51 27.06 -11.59 0.10
CA PHE B 51 27.06 -13.04 -0.10
C PHE B 51 27.07 -13.35 -1.59
N GLU B 52 27.45 -14.58 -1.96
CA GLU B 52 27.43 -15.01 -3.35
C GLU B 52 26.28 -15.98 -3.56
N LEU B 53 25.63 -15.88 -4.72
CA LEU B 53 24.45 -16.68 -5.03
C LEU B 53 24.87 -17.87 -5.87
N LEU B 54 24.75 -19.08 -5.34
CA LEU B 54 25.13 -20.28 -6.08
C LEU B 54 24.00 -20.75 -6.99
N GLU B 55 22.79 -20.88 -6.43
CA GLU B 55 21.60 -21.07 -7.24
C GLU B 55 20.38 -20.54 -6.51
N GLY B 56 19.37 -20.14 -7.29
CA GLY B 56 18.16 -19.52 -6.78
C GLY B 56 18.04 -18.10 -7.32
N THR B 57 16.87 -17.50 -7.13
CA THR B 57 16.63 -16.14 -7.59
C THR B 57 16.31 -15.23 -6.41
N VAL B 58 16.97 -14.08 -6.40
CA VAL B 58 16.78 -13.09 -5.34
C VAL B 58 16.26 -11.81 -5.96
N GLN B 59 15.58 -11.00 -5.15
CA GLN B 59 15.14 -9.67 -5.55
C GLN B 59 15.73 -8.66 -4.59
N SER B 60 16.35 -7.61 -5.14
CA SER B 60 16.93 -6.55 -4.34
C SER B 60 15.88 -5.49 -3.99
N MET B 61 15.78 -5.17 -2.70
CA MET B 61 14.92 -4.09 -2.24
C MET B 61 15.57 -2.74 -2.56
N TRP B 62 16.87 -2.76 -2.87
CA TRP B 62 17.60 -1.57 -3.30
C TRP B 62 18.69 -1.97 -4.31
N PRO B 63 18.39 -1.82 -5.63
CA PRO B 63 19.28 -2.28 -6.71
C PRO B 63 20.65 -1.59 -6.81
N ASP B 64 20.80 -0.38 -6.29
CA ASP B 64 22.07 0.36 -6.44
C ASP B 64 22.67 0.79 -5.08
N ALA B 65 22.56 -0.10 -4.11
CA ALA B 65 23.10 0.14 -2.77
C ALA B 65 24.61 0.24 -2.79
N PRO B 66 25.18 1.32 -2.26
CA PRO B 66 26.61 1.56 -2.41
C PRO B 66 27.45 0.59 -1.59
N GLY B 67 26.81 -0.21 -0.75
CA GLY B 67 27.50 -1.29 -0.02
C GLY B 67 28.00 -2.44 -0.88
N LEU B 68 27.47 -2.53 -2.09
CA LEU B 68 27.95 -3.47 -3.10
C LEU B 68 28.80 -2.69 -4.10
N SER B 69 30.07 -3.10 -4.25
CA SER B 69 31.01 -2.39 -5.13
C SER B 69 30.64 -2.51 -6.60
N SER B 70 31.15 -1.59 -7.39
CA SER B 70 30.94 -1.61 -8.83
C SER B 70 31.54 -2.86 -9.49
N ARG B 71 32.40 -3.58 -8.76
CA ARG B 71 33.05 -4.79 -9.27
C ARG B 71 32.38 -6.07 -8.78
N ASP B 72 31.75 -6.01 -7.62
CA ASP B 72 30.88 -7.10 -7.16
C ASP B 72 29.67 -7.18 -8.08
N ARG B 73 29.21 -6.00 -8.50
CA ARG B 73 28.10 -5.85 -9.44
C ARG B 73 28.43 -6.49 -10.77
N GLU B 74 29.61 -6.17 -11.29
CA GLU B 74 30.07 -6.66 -12.59
C GLU B 74 30.10 -8.19 -12.63
N LYS B 75 30.41 -8.81 -11.49
CA LYS B 75 30.39 -10.27 -11.38
C LYS B 75 28.97 -10.80 -11.53
N GLY B 76 27.97 -9.97 -11.22
CA GLY B 76 26.56 -10.30 -11.40
C GLY B 76 26.08 -11.38 -10.45
N ASN B 77 26.99 -11.85 -9.62
CA ASN B 77 26.78 -13.03 -8.82
C ASN B 77 26.74 -12.70 -7.33
N ARG B 78 26.95 -11.43 -6.99
CA ARG B 78 27.08 -10.99 -5.60
C ARG B 78 25.95 -10.04 -5.25
N HIS B 79 25.37 -10.24 -4.07
CA HIS B 79 24.26 -9.44 -3.60
C HIS B 79 24.45 -9.14 -2.11
N LEU B 80 23.70 -8.15 -1.62
CA LEU B 80 23.69 -7.77 -0.21
C LEU B 80 22.54 -8.47 0.50
N ALA B 81 22.85 -9.17 1.59
CA ALA B 81 21.89 -10.06 2.24
C ALA B 81 20.81 -9.34 3.04
N CYS B 82 21.05 -8.07 3.35
CA CYS B 82 20.07 -7.24 4.04
C CYS B 82 19.18 -6.51 3.07
N GLN B 83 19.55 -6.53 1.78
CA GLN B 83 18.79 -5.86 0.72
C GLN B 83 18.06 -6.83 -0.20
N CYS B 84 18.10 -8.13 0.11
CA CYS B 84 17.50 -9.15 -0.77
C CYS B 84 16.41 -9.97 -0.08
N ILE B 85 15.48 -10.46 -0.89
CA ILE B 85 14.47 -11.43 -0.46
C ILE B 85 14.50 -12.61 -1.41
N ALA B 86 14.10 -13.77 -0.91
CA ALA B 86 14.15 -15.01 -1.68
C ALA B 86 12.93 -15.13 -2.59
N LEU B 87 13.15 -15.58 -3.83
CA LEU B 87 12.06 -15.89 -4.77
C LEU B 87 11.97 -17.38 -5.08
N SER B 88 12.89 -18.16 -4.51
CA SER B 88 12.91 -19.60 -4.65
C SER B 88 13.79 -20.14 -3.53
N ASP B 89 14.12 -21.43 -3.59
CA ASP B 89 15.13 -21.97 -2.71
C ASP B 89 16.47 -21.33 -3.07
N LEU B 90 17.25 -20.99 -2.06
CA LEU B 90 18.54 -20.35 -2.26
C LEU B 90 19.70 -21.21 -1.74
N ARG B 91 20.72 -21.35 -2.57
CA ARG B 91 22.02 -21.82 -2.12
C ARG B 91 22.97 -20.63 -2.22
N ILE B 92 23.56 -20.25 -1.08
CA ILE B 92 24.44 -19.10 -0.99
C ILE B 92 25.70 -19.44 -0.21
N LYS B 93 26.76 -18.66 -0.39
CA LYS B 93 27.95 -18.80 0.46
C LYS B 93 28.32 -17.47 1.12
N VAL B 94 28.61 -17.54 2.42
CA VAL B 94 29.01 -16.39 3.23
C VAL B 94 29.91 -16.91 4.35
N ALA B 95 30.53 -16.01 5.10
CA ALA B 95 31.40 -16.40 6.21
C ALA B 95 30.67 -16.17 7.52
N VAL B 96 29.99 -17.21 8.00
CA VAL B 96 29.22 -17.12 9.23
C VAL B 96 30.16 -17.05 10.41
N GLN B 97 29.81 -16.23 11.40
CA GLN B 97 30.67 -15.98 12.56
C GLN B 97 29.83 -15.84 13.82
N ASP B 98 30.23 -16.58 14.87
CA ASP B 98 29.47 -16.63 16.14
C ASP B 98 29.14 -15.26 16.73
N LYS B 99 30.01 -14.28 16.50
CA LYS B 99 29.80 -12.93 17.04
C LYS B 99 28.62 -12.17 16.41
N TYR B 100 27.92 -12.78 15.46
CA TYR B 100 26.69 -12.22 14.91
C TYR B 100 25.43 -12.99 15.32
N ILE B 101 25.62 -14.16 15.91
CA ILE B 101 24.50 -14.98 16.40
C ILE B 101 23.66 -14.11 17.34
N PRO B 102 22.38 -13.95 17.02
CA PRO B 102 21.50 -13.13 17.86
C PRO B 102 21.50 -13.54 19.32
N ALA B 103 21.83 -12.58 20.18
CA ALA B 103 21.71 -12.78 21.61
C ALA B 103 20.24 -12.96 21.96
N ILE B 104 19.44 -11.93 21.64
CA ILE B 104 18.01 -11.94 21.92
C ILE B 104 17.19 -12.21 20.65
N PRO B 105 16.37 -13.28 20.65
CA PRO B 105 15.52 -13.66 19.52
C PRO B 105 14.94 -12.46 18.76
N ILE B 106 15.24 -12.37 17.48
CA ILE B 106 14.72 -11.32 16.62
C ILE B 106 13.30 -11.70 16.22
N SER B 107 12.42 -10.70 16.19
CA SER B 107 11.05 -10.91 15.72
C SER B 107 10.47 -9.62 15.16
N LYS B 108 9.62 -9.73 14.14
CA LYS B 108 8.88 -8.60 13.61
C LYS B 108 7.75 -8.32 14.57
N MET B 109 7.69 -7.08 15.06
CA MET B 109 6.76 -6.71 16.10
C MET B 109 5.85 -5.57 15.65
N GLU B 110 4.58 -5.72 16.00
CA GLU B 110 3.55 -4.71 15.72
C GLU B 110 3.49 -3.75 16.90
N ALA B 111 3.65 -2.45 16.61
CA ALA B 111 3.75 -1.42 17.65
C ALA B 111 3.00 -0.14 17.28
N GLU B 112 2.56 0.59 18.30
CA GLU B 112 1.93 1.89 18.10
C GLU B 112 2.61 2.99 18.92
N VAL B 113 2.59 4.21 18.38
CA VAL B 113 3.17 5.38 19.05
C VAL B 113 2.37 5.69 20.30
N VAL B 114 3.00 5.59 21.46
CA VAL B 114 2.32 5.79 22.73
C VAL B 114 2.72 7.11 23.41
N ALA B 115 3.82 7.71 22.96
CA ALA B 115 4.28 8.98 23.50
C ALA B 115 5.27 9.65 22.55
N VAL B 116 5.25 10.97 22.54
CA VAL B 116 6.10 11.79 21.67
C VAL B 116 6.49 13.07 22.42
N ARG B 117 7.73 13.50 22.24
CA ARG B 117 8.18 14.78 22.75
C ARG B 117 9.32 15.34 21.93
N ALA B 118 9.19 16.59 21.50
CA ALA B 118 10.23 17.25 20.74
C ALA B 118 11.34 17.68 21.68
N LEU B 119 12.53 17.10 21.48
CA LEU B 119 13.73 17.45 22.26
C LEU B 119 14.48 18.64 21.64
N THR B 120 14.66 18.60 20.33
CA THR B 120 15.01 19.80 19.57
C THR B 120 13.97 20.01 18.46
N HIS B 121 14.10 21.13 17.75
CA HIS B 121 13.25 21.46 16.61
C HIS B 121 13.23 20.36 15.53
N ASP B 122 14.29 19.55 15.48
CA ASP B 122 14.42 18.50 14.48
C ASP B 122 14.86 17.15 15.08
N LEU B 123 14.41 16.83 16.29
CA LEU B 123 14.74 15.53 16.91
C LEU B 123 13.66 15.09 17.91
N LEU B 124 12.96 14.00 17.58
CA LEU B 124 11.79 13.55 18.32
C LEU B 124 12.07 12.31 19.13
N SER B 125 11.64 12.31 20.38
CA SER B 125 11.67 11.10 21.21
C SER B 125 10.36 10.36 21.06
N VAL B 126 10.38 9.32 20.24
CA VAL B 126 9.16 8.56 19.95
C VAL B 126 9.16 7.31 20.82
N LYS B 127 8.14 7.17 21.65
CA LYS B 127 7.97 6.02 22.52
C LYS B 127 6.89 5.14 21.91
N LEU B 128 7.22 3.87 21.66
CA LEU B 128 6.30 2.92 21.02
C LEU B 128 6.04 1.71 21.93
N ARG B 129 4.84 1.15 21.85
CA ARG B 129 4.46 0.01 22.67
C ARG B 129 4.24 -1.22 21.81
N THR B 130 4.85 -2.34 22.21
CA THR B 130 4.63 -3.64 21.57
C THR B 130 3.77 -4.54 22.44
N ASP B 131 3.29 -5.65 21.87
CA ASP B 131 2.50 -6.62 22.62
C ASP B 131 3.41 -7.36 23.60
N VAL B 132 4.61 -7.68 23.14
CA VAL B 132 5.59 -8.48 23.89
C VAL B 132 6.40 -7.62 24.87
N PRO B 133 7.07 -8.30 25.83
CA PRO B 133 7.98 -7.58 26.73
C PRO B 133 9.17 -6.97 25.99
N ALA B 134 9.52 -5.72 26.30
CA ALA B 134 10.60 -5.04 25.58
C ALA B 134 11.93 -5.59 26.04
N ASN B 135 12.61 -6.31 25.15
CA ASN B 135 13.83 -7.00 25.50
C ASN B 135 14.94 -6.74 24.49
N PHE B 136 15.95 -6.00 24.93
CA PHE B 136 17.10 -5.65 24.09
C PHE B 136 18.31 -5.26 24.94
N LEU B 137 19.48 -5.20 24.31
CA LEU B 137 20.70 -4.75 24.96
C LEU B 137 20.92 -3.26 24.70
N PRO B 138 21.56 -2.55 25.64
CA PRO B 138 21.87 -1.15 25.38
C PRO B 138 22.84 -1.05 24.21
N GLY B 139 22.49 -0.25 23.21
CA GLY B 139 23.29 -0.13 22.00
C GLY B 139 22.77 -0.93 20.82
N GLN B 140 21.63 -1.61 20.97
CA GLN B 140 21.00 -2.28 19.85
C GLN B 140 20.04 -1.37 19.10
N PHE B 141 19.60 -1.82 17.92
CA PHE B 141 18.67 -1.01 17.12
C PHE B 141 17.56 -1.87 16.52
N CYS B 142 16.55 -1.20 16.00
CA CYS B 142 15.43 -1.84 15.33
C CYS B 142 15.31 -1.36 13.87
N LEU B 143 14.80 -2.25 13.02
CA LEU B 143 14.31 -1.86 11.70
C LEU B 143 12.82 -1.53 11.83
N ILE B 144 12.49 -0.24 11.68
CA ILE B 144 11.13 0.23 11.85
C ILE B 144 10.47 0.43 10.48
N GLU B 145 9.25 -0.10 10.34
CA GLU B 145 8.44 0.03 9.12
C GLU B 145 7.05 0.55 9.47
N ALA B 146 6.76 1.79 9.07
CA ALA B 146 5.47 2.42 9.37
C ALA B 146 4.34 1.68 8.66
N GLU B 147 3.15 1.65 9.27
CA GLU B 147 2.04 0.90 8.69
C GLU B 147 1.38 1.74 7.61
N GLN B 148 1.14 3.02 7.91
CA GLN B 148 0.55 3.95 6.95
C GLN B 148 1.51 4.26 5.79
N LEU B 149 2.82 4.19 6.04
CA LEU B 149 3.82 4.32 4.98
C LEU B 149 4.33 2.93 4.55
N PRO B 150 3.88 2.44 3.39
CA PRO B 150 4.16 1.06 3.01
C PRO B 150 5.55 0.85 2.40
N GLY B 151 6.20 -0.26 2.79
CA GLY B 151 7.42 -0.71 2.13
C GLY B 151 8.74 -0.23 2.73
N VAL B 152 8.79 1.03 3.17
CA VAL B 152 10.06 1.64 3.60
C VAL B 152 10.49 1.11 4.96
N VAL B 153 11.77 0.79 5.08
CA VAL B 153 12.35 0.26 6.33
C VAL B 153 13.58 1.08 6.73
N ARG B 154 13.60 1.53 7.98
CA ARG B 154 14.68 2.36 8.51
C ARG B 154 15.18 1.89 9.86
N ALA B 155 16.48 2.04 10.10
CA ALA B 155 17.12 1.59 11.33
C ALA B 155 17.17 2.68 12.41
N TYR B 156 16.80 2.33 13.66
CA TYR B 156 16.82 3.29 14.79
C TYR B 156 17.28 2.68 16.11
N SER B 157 18.28 3.29 16.73
CA SER B 157 18.81 2.82 18.00
C SER B 157 17.87 3.16 19.15
N MET B 158 17.62 2.16 20.00
CA MET B 158 16.83 2.34 21.23
C MET B 158 17.51 3.32 22.20
N ALA B 159 16.72 4.17 22.83
CA ALA B 159 17.22 5.15 23.81
C ALA B 159 17.04 4.67 25.24
N ASN B 160 15.97 3.90 25.48
CA ASN B 160 15.67 3.39 26.83
C ASN B 160 16.39 2.06 27.12
N SER B 161 15.93 1.35 28.15
CA SER B 161 16.46 0.02 28.51
C SER B 161 15.33 -1.00 28.65
N MET B 162 15.68 -2.25 28.91
CA MET B 162 14.73 -3.36 29.01
C MET B 162 13.61 -3.07 30.02
N ASN B 163 12.37 -3.34 29.62
CA ASN B 163 11.22 -3.14 30.49
C ASN B 163 10.14 -4.21 30.26
N PRO B 164 9.55 -4.74 31.35
CA PRO B 164 8.51 -5.78 31.25
C PRO B 164 7.21 -5.32 30.57
N ASP B 165 6.97 -4.01 30.51
CA ASP B 165 5.76 -3.47 29.88
C ASP B 165 5.82 -3.54 28.35
N GLY B 166 6.95 -3.12 27.78
CA GLY B 166 7.12 -3.20 26.33
C GLY B 166 7.23 -1.84 25.64
N PHE B 167 7.96 -0.90 26.24
CA PHE B 167 8.19 0.40 25.63
C PHE B 167 9.43 0.36 24.76
N TRP B 168 9.39 1.06 23.63
CA TRP B 168 10.53 1.15 22.70
C TRP B 168 10.74 2.60 22.31
N GLU B 169 11.70 3.26 22.98
CA GLU B 169 11.94 4.69 22.78
C GLU B 169 13.02 4.92 21.74
N PHE B 170 12.82 5.91 20.87
CA PHE B 170 13.80 6.24 19.83
C PHE B 170 13.93 7.75 19.64
N TYR B 171 15.17 8.26 19.68
CA TYR B 171 15.45 9.65 19.32
C TYR B 171 15.74 9.69 17.83
N ILE B 172 14.89 10.35 17.06
CA ILE B 172 15.02 10.37 15.61
C ILE B 172 14.90 11.77 15.03
N LYS B 173 15.89 12.10 14.20
CA LYS B 173 16.03 13.41 13.58
C LYS B 173 15.20 13.45 12.31
N ARG B 174 14.61 14.60 12.00
CA ARG B 174 13.98 14.79 10.71
C ARG B 174 15.04 15.16 9.68
N VAL B 175 14.94 14.55 8.51
CA VAL B 175 15.77 14.91 7.36
C VAL B 175 14.86 15.12 6.15
N PRO B 176 14.67 16.38 5.72
CA PRO B 176 13.98 16.62 4.46
C PRO B 176 14.73 15.96 3.29
N THR B 177 13.98 15.48 2.31
CA THR B 177 14.49 14.54 1.30
C THR B 177 14.41 13.13 1.86
N GLY B 178 13.71 12.99 2.99
CA GLY B 178 13.49 11.69 3.59
C GLY B 178 12.20 11.06 3.14
N ARG B 179 12.05 9.77 3.42
CA ARG B 179 10.83 9.04 3.09
C ARG B 179 10.10 8.80 4.39
N PHE B 180 10.79 8.13 5.32
CA PHE B 180 10.22 7.76 6.59
C PHE B 180 10.09 8.91 7.61
N SER B 181 11.16 9.69 7.78
CA SER B 181 11.25 10.66 8.91
C SER B 181 10.50 12.01 8.76
N PRO B 182 10.48 12.60 7.54
CA PRO B 182 9.60 13.75 7.35
C PRO B 182 8.14 13.32 7.41
N TRP B 183 7.86 12.12 6.90
CA TRP B 183 6.56 11.50 7.07
C TRP B 183 6.30 11.29 8.57
N LEU B 184 7.32 10.83 9.29
CA LEU B 184 7.18 10.55 10.72
C LEU B 184 6.96 11.84 11.48
N PHE B 185 7.60 12.90 11.02
CA PHE B 185 7.50 14.18 11.72
C PHE B 185 6.18 14.89 11.52
N GLU B 186 5.56 14.77 10.35
CA GLU B 186 4.30 15.46 10.07
C GLU B 186 3.12 14.50 9.85
N ASN B 187 3.28 13.53 8.97
CA ASN B 187 2.23 12.53 8.73
C ASN B 187 2.24 11.51 9.87
N ARG B 188 1.93 11.98 11.07
CA ARG B 188 2.09 11.19 12.30
C ARG B 188 1.04 11.54 13.36
N LYS B 189 1.03 10.71 14.40
CA LYS B 189 0.21 10.95 15.58
C LYS B 189 0.58 9.94 16.68
N VAL B 190 -0.01 10.13 17.85
CA VAL B 190 0.03 9.15 18.92
C VAL B 190 -1.02 8.08 18.58
N GLY B 191 -0.65 6.82 18.74
CA GLY B 191 -1.55 5.70 18.40
C GLY B 191 -1.36 5.15 17.00
N ALA B 192 -0.57 5.85 16.19
CA ALA B 192 -0.25 5.40 14.83
C ALA B 192 0.64 4.17 14.91
N ARG B 193 0.42 3.22 13.99
CA ARG B 193 1.08 1.92 14.08
C ARG B 193 2.26 1.79 13.09
N LEU B 194 3.30 1.10 13.56
CA LEU B 194 4.47 0.79 12.76
C LEU B 194 4.95 -0.62 13.11
N PHE B 195 5.94 -1.12 12.37
CA PHE B 195 6.52 -2.43 12.65
C PHE B 195 7.94 -2.27 13.17
N LEU B 196 8.37 -3.23 13.99
CA LEU B 196 9.71 -3.21 14.58
C LEU B 196 10.33 -4.58 14.41
N THR B 197 11.34 -4.68 13.55
CA THR B 197 12.13 -5.90 13.42
C THR B 197 13.43 -5.71 14.17
N GLY B 198 13.66 -6.56 15.18
CA GLY B 198 14.85 -6.50 16.02
C GLY B 198 14.70 -7.29 17.31
N PRO B 199 15.53 -7.00 18.32
CA PRO B 199 16.60 -6.01 18.28
C PRO B 199 17.73 -6.51 17.44
N MET B 200 18.62 -5.61 17.02
CA MET B 200 19.75 -5.98 16.19
C MET B 200 20.98 -5.14 16.52
N GLY B 201 22.09 -5.44 15.85
CA GLY B 201 23.34 -4.71 16.04
C GLY B 201 24.32 -5.48 16.91
N THR B 202 25.60 -5.45 16.51
CA THR B 202 26.66 -6.06 17.27
C THR B 202 27.50 -4.99 17.97
N SER B 203 26.90 -3.84 18.25
CA SER B 203 27.58 -2.72 18.88
C SER B 203 27.00 -2.41 20.26
N PHE B 204 26.51 -3.46 20.93
CA PHE B 204 25.92 -3.33 22.27
C PHE B 204 26.98 -3.16 23.36
N PHE B 205 26.57 -2.58 24.49
CA PHE B 205 27.44 -2.34 25.64
C PHE B 205 28.03 -3.65 26.19
N ARG B 206 29.36 -3.66 26.41
CA ARG B 206 30.07 -4.88 26.83
C ARG B 206 30.60 -4.83 28.27
N PRO B 207 30.00 -5.62 29.17
CA PRO B 207 30.38 -5.70 30.58
C PRO B 207 31.57 -6.63 30.82
N GLY B 208 32.12 -6.59 32.04
CA GLY B 208 33.26 -7.42 32.42
C GLY B 208 34.58 -6.96 31.83
N THR B 209 34.61 -5.75 31.30
CA THR B 209 35.82 -5.18 30.73
C THR B 209 36.81 -4.84 31.83
N GLY B 210 36.32 -4.20 32.90
CA GLY B 210 37.18 -3.63 33.95
C GLY B 210 37.83 -2.35 33.48
N ARG B 211 37.46 -1.92 32.27
CA ARG B 211 38.07 -0.81 31.57
C ARG B 211 37.09 0.33 31.52
N LYS B 212 37.55 1.54 31.84
CA LYS B 212 36.67 2.71 31.94
C LYS B 212 36.01 3.00 30.60
N SER B 213 34.72 3.40 30.62
CA SER B 213 33.93 3.51 29.39
C SER B 213 33.59 4.95 28.98
N LEU B 214 33.72 5.22 27.68
CA LEU B 214 33.50 6.54 27.10
C LEU B 214 32.41 6.44 26.03
N CYS B 215 31.52 7.43 25.99
CA CYS B 215 30.43 7.45 25.03
C CYS B 215 30.44 8.74 24.23
N ILE B 216 30.59 8.62 22.92
CA ILE B 216 30.65 9.78 22.03
C ILE B 216 29.49 9.70 21.04
N GLY B 217 28.62 10.71 21.08
CA GLY B 217 27.44 10.75 20.22
C GLY B 217 27.41 11.99 19.33
N GLY B 218 26.96 11.79 18.09
CA GLY B 218 26.89 12.87 17.12
C GLY B 218 25.49 13.05 16.59
N GLY B 219 24.78 14.00 17.17
CA GLY B 219 23.44 14.34 16.72
C GLY B 219 22.41 13.27 17.04
N ALA B 220 22.00 12.55 16.00
CA ALA B 220 21.02 11.48 16.14
C ALA B 220 21.60 10.27 16.90
N GLY B 221 22.92 10.16 16.90
CA GLY B 221 23.61 9.09 17.62
C GLY B 221 23.61 9.22 19.14
N LEU B 222 22.98 10.28 19.65
CA LEU B 222 22.79 10.45 21.11
C LEU B 222 22.02 9.29 21.75
N SER B 223 20.98 8.83 21.04
CA SER B 223 20.24 7.63 21.42
C SER B 223 21.18 6.50 21.82
N TYR B 224 22.13 6.22 20.94
CA TYR B 224 23.11 5.17 21.17
C TYR B 224 24.09 5.53 22.29
N ALA B 225 24.61 6.76 22.25
CA ALA B 225 25.60 7.22 23.22
C ALA B 225 25.05 7.19 24.65
N ALA B 226 23.84 7.72 24.82
CA ALA B 226 23.20 7.72 26.13
C ALA B 226 22.88 6.30 26.62
N ALA B 227 22.45 5.45 25.69
CA ALA B 227 22.07 4.07 26.03
C ALA B 227 23.23 3.32 26.64
N ILE B 228 24.43 3.50 26.07
CA ILE B 228 25.63 2.94 26.67
C ILE B 228 26.05 3.74 27.90
N ALA B 229 25.84 5.06 27.85
CA ALA B 229 26.10 5.89 29.01
C ALA B 229 25.32 5.38 30.24
N ARG B 230 23.99 5.45 30.19
CA ARG B 230 23.15 5.05 31.35
C ARG B 230 23.31 3.58 31.72
N ALA B 231 23.65 2.73 30.76
CA ALA B 231 23.92 1.32 31.02
C ALA B 231 25.29 1.11 31.67
N SER B 232 26.19 2.07 31.49
CA SER B 232 27.49 2.04 32.18
C SER B 232 27.31 2.30 33.66
N ILE B 233 26.77 3.48 34.00
CA ILE B 233 26.50 3.84 35.39
C ILE B 233 25.76 2.71 36.12
N ARG B 234 24.92 1.99 35.39
CA ARG B 234 24.15 0.86 35.93
C ARG B 234 25.01 -0.32 36.36
N GLU B 235 26.13 -0.53 35.67
CA GLU B 235 27.10 -1.54 36.06
C GLU B 235 28.35 -0.89 36.62
N THR B 236 29.03 -0.12 35.77
CA THR B 236 30.38 0.36 36.07
C THR B 236 30.47 1.12 37.40
N ASP B 237 29.48 1.95 37.69
CA ASP B 237 29.47 2.84 38.87
C ASP B 237 30.85 3.51 39.08
N LYS B 238 31.38 4.02 37.97
CA LYS B 238 32.67 4.69 37.94
C LYS B 238 32.45 5.98 37.14
N PRO B 239 33.48 6.84 37.05
CA PRO B 239 33.32 8.01 36.18
C PRO B 239 33.09 7.63 34.71
N VAL B 240 31.82 7.67 34.30
CA VAL B 240 31.43 7.49 32.89
C VAL B 240 31.41 8.87 32.23
N LYS B 241 32.02 9.00 31.07
CA LYS B 241 32.09 10.28 30.39
C LYS B 241 31.32 10.24 29.06
N LEU B 242 30.22 10.97 28.99
CA LEU B 242 29.48 11.13 27.74
C LEU B 242 29.98 12.41 27.05
N PHE B 243 30.23 12.32 25.76
CA PHE B 243 30.53 13.50 24.94
C PHE B 243 29.47 13.61 23.84
N TYR B 244 28.85 14.79 23.73
CA TYR B 244 27.84 15.02 22.70
C TYR B 244 28.33 16.08 21.73
N GLY B 245 28.21 15.77 20.44
CA GLY B 245 28.52 16.73 19.38
C GLY B 245 27.23 17.22 18.73
N SER B 246 27.27 18.46 18.25
CA SER B 246 26.10 19.03 17.59
C SER B 246 26.48 20.11 16.58
N ARG B 247 25.53 20.39 15.69
CA ARG B 247 25.72 21.39 14.63
C ARG B 247 25.69 22.82 15.18
N THR B 248 24.63 23.13 15.93
CA THR B 248 24.34 24.50 16.38
C THR B 248 23.94 24.50 17.87
N PRO B 249 24.04 25.65 18.56
CA PRO B 249 23.58 25.75 19.95
C PRO B 249 22.09 25.49 20.14
N ARG B 250 21.30 25.82 19.12
CA ARG B 250 19.86 25.56 19.11
C ARG B 250 19.55 24.06 18.89
N ASP B 251 20.59 23.23 18.86
CA ASP B 251 20.44 21.78 18.80
C ASP B 251 20.91 21.09 20.10
N ALA B 252 21.35 21.87 21.09
CA ALA B 252 21.81 21.31 22.36
C ALA B 252 20.64 20.75 23.13
N VAL B 253 20.69 19.44 23.42
CA VAL B 253 19.66 18.76 24.18
C VAL B 253 19.94 18.99 25.65
N ARG B 254 18.89 19.27 26.43
CA ARG B 254 19.04 19.45 27.86
C ARG B 254 19.08 18.06 28.48
N TRP B 255 20.12 17.79 29.26
CA TRP B 255 20.37 16.45 29.81
C TRP B 255 19.31 16.00 30.80
N ILE B 256 18.64 16.95 31.42
CA ILE B 256 17.55 16.68 32.37
C ILE B 256 16.54 15.68 31.81
N ASP B 257 16.43 15.64 30.47
CA ASP B 257 15.43 14.87 29.74
C ASP B 257 15.87 13.45 29.41
N ILE B 258 17.16 13.25 29.19
CA ILE B 258 17.69 11.91 28.92
C ILE B 258 17.57 11.02 30.16
N ASP B 259 17.28 11.64 31.31
CA ASP B 259 16.94 10.96 32.58
C ASP B 259 18.14 10.47 33.42
N ILE B 260 19.34 10.95 33.12
CA ILE B 260 20.47 10.82 34.07
C ILE B 260 21.17 12.16 34.26
N ASP B 261 21.31 12.53 35.54
CA ASP B 261 21.85 13.83 35.97
C ASP B 261 23.30 14.09 35.55
N GLU B 262 23.70 15.35 35.65
CA GLU B 262 25.08 15.76 35.32
C GLU B 262 26.13 15.23 36.29
N ASP B 263 25.72 14.82 37.50
CA ASP B 263 26.68 14.37 38.54
C ASP B 263 26.86 12.84 38.68
N LYS B 264 25.86 12.04 38.28
CA LYS B 264 26.02 10.58 38.28
C LYS B 264 27.12 10.18 37.28
N LEU B 265 27.07 10.74 36.09
CA LEU B 265 28.15 10.63 35.10
C LEU B 265 28.79 12.00 34.90
N GLU B 266 29.81 12.05 34.06
CA GLU B 266 30.35 13.33 33.59
C GLU B 266 29.91 13.53 32.14
N VAL B 267 29.13 14.58 31.89
CA VAL B 267 28.56 14.80 30.57
C VAL B 267 29.07 16.12 29.97
N VAL B 268 29.58 16.04 28.75
CA VAL B 268 30.11 17.19 28.03
C VAL B 268 29.30 17.36 26.74
N GLN B 269 29.09 18.60 26.32
CA GLN B 269 28.36 18.89 25.08
C GLN B 269 29.06 19.94 24.23
N ALA B 270 29.30 19.59 22.98
CA ALA B 270 30.02 20.45 22.05
C ALA B 270 29.07 21.12 21.04
N VAL B 271 29.66 21.88 20.14
CA VAL B 271 28.91 22.60 19.10
C VAL B 271 29.86 22.89 17.94
N THR B 272 29.33 23.16 16.75
CA THR B 272 30.16 23.49 15.58
C THR B 272 29.99 24.96 15.17
N GLU B 273 28.81 25.32 14.67
CA GLU B 273 28.49 26.72 14.36
C GLU B 273 28.35 27.40 15.72
N ASP B 274 29.49 27.76 16.29
CA ASP B 274 29.60 27.94 17.75
C ASP B 274 28.84 29.10 18.41
N THR B 275 29.38 30.31 18.31
CA THR B 275 28.83 31.44 19.04
C THR B 275 27.34 31.45 18.71
N ASP B 276 27.00 31.71 17.44
CA ASP B 276 25.64 32.00 16.98
C ASP B 276 25.03 33.24 17.62
N SER B 277 24.83 33.20 18.94
CA SER B 277 24.54 34.40 19.74
C SER B 277 25.63 34.54 20.80
N LEU B 278 25.56 33.69 21.83
CA LEU B 278 26.62 33.56 22.82
C LEU B 278 26.56 32.15 23.40
N TRP B 279 27.69 31.46 23.36
CA TRP B 279 27.76 30.06 23.80
C TRP B 279 29.09 29.79 24.48
N GLN B 280 29.02 29.42 25.76
CA GLN B 280 30.17 28.92 26.48
C GLN B 280 30.02 27.40 26.57
N GLY B 281 31.17 26.72 26.62
CA GLY B 281 31.23 25.27 26.48
C GLY B 281 32.03 24.94 25.23
N PRO B 282 32.46 23.66 25.09
CA PRO B 282 33.30 23.21 23.98
C PRO B 282 32.83 23.67 22.59
N ILE B 283 33.78 24.07 21.75
CA ILE B 283 33.51 24.57 20.39
C ILE B 283 34.29 23.78 19.36
N GLY B 284 33.60 23.21 18.38
CA GLY B 284 34.22 22.41 17.32
C GLY B 284 33.66 21.00 17.19
N PHE B 285 34.09 20.30 16.15
CA PHE B 285 33.64 18.92 15.88
C PHE B 285 34.06 18.03 17.05
N ILE B 286 33.26 17.03 17.36
CA ILE B 286 33.43 16.26 18.61
C ILE B 286 34.78 15.50 18.72
N HIS B 287 35.27 15.01 17.58
CA HIS B 287 36.58 14.34 17.52
C HIS B 287 37.75 15.25 17.91
N GLN B 288 37.69 16.50 17.51
CA GLN B 288 38.70 17.49 17.91
C GLN B 288 38.55 17.83 19.40
N VAL B 289 37.30 17.84 19.86
CA VAL B 289 36.97 18.12 21.27
C VAL B 289 37.43 16.98 22.18
N VAL B 290 37.04 15.74 21.84
CA VAL B 290 37.44 14.55 22.60
C VAL B 290 38.96 14.43 22.69
N ASP B 291 39.63 14.65 21.56
CA ASP B 291 41.09 14.65 21.50
C ASP B 291 41.69 15.67 22.44
N ALA B 292 41.12 16.88 22.42
CA ALA B 292 41.62 18.00 23.21
C ALA B 292 41.46 17.79 24.71
N ALA B 293 40.43 17.04 25.10
CA ALA B 293 40.11 16.82 26.50
C ALA B 293 40.99 15.72 27.12
N LEU B 294 40.77 14.48 26.70
CA LEU B 294 41.44 13.32 27.32
C LEU B 294 42.89 13.10 26.84
N LEU B 295 43.14 13.36 25.55
CA LEU B 295 44.47 13.20 24.93
C LEU B 295 44.97 11.73 24.86
N GLU B 296 46.10 11.41 25.48
CA GLU B 296 46.71 10.07 25.33
C GLU B 296 46.12 9.03 26.29
N THR B 297 45.19 9.44 27.14
CA THR B 297 44.54 8.52 28.09
C THR B 297 43.52 7.59 27.42
N LEU B 298 43.23 7.80 26.13
CA LEU B 298 42.20 7.06 25.41
C LEU B 298 42.29 5.53 25.50
N PRO B 299 43.47 4.94 25.23
CA PRO B 299 43.63 3.47 25.34
C PRO B 299 43.06 2.86 26.63
N GLU B 300 43.09 3.63 27.72
CA GLU B 300 42.53 3.20 29.01
C GLU B 300 41.01 3.12 28.99
N TYR B 301 40.37 3.62 27.91
CA TYR B 301 38.92 3.65 27.79
C TYR B 301 38.39 2.64 26.77
N GLU B 302 37.14 2.21 27.00
CA GLU B 302 36.40 1.36 26.08
C GLU B 302 35.34 2.27 25.47
N ILE B 303 35.52 2.64 24.19
CA ILE B 303 34.72 3.71 23.58
C ILE B 303 33.57 3.14 22.74
N TYR B 304 32.38 3.74 22.91
CA TYR B 304 31.20 3.40 22.10
C TYR B 304 30.71 4.67 21.40
N LEU B 305 30.62 4.67 20.07
CA LEU B 305 30.17 5.85 19.34
C LEU B 305 29.08 5.61 18.29
N ALA B 306 28.47 6.70 17.85
CA ALA B 306 27.43 6.66 16.80
C ALA B 306 27.21 8.05 16.23
N GLY B 307 26.54 8.11 15.08
CA GLY B 307 26.27 9.37 14.38
C GLY B 307 26.27 9.16 12.87
N PRO B 308 26.13 10.27 12.10
CA PRO B 308 26.16 10.21 10.63
C PRO B 308 27.51 9.71 10.08
N PRO B 309 27.54 9.23 8.82
CA PRO B 309 28.75 8.62 8.22
C PRO B 309 30.07 9.38 8.43
N PRO B 310 30.12 10.68 8.10
CA PRO B 310 31.38 11.39 8.29
C PRO B 310 31.79 11.58 9.76
N MET B 311 30.80 11.70 10.65
CA MET B 311 31.09 11.91 12.06
C MET B 311 31.82 10.68 12.65
N VAL B 312 31.29 9.49 12.44
CA VAL B 312 31.93 8.25 12.95
C VAL B 312 33.27 7.98 12.27
N ASP B 313 33.33 8.22 10.95
CA ASP B 313 34.55 8.04 10.17
C ASP B 313 35.74 8.84 10.74
N ALA B 314 35.52 10.13 11.02
CA ALA B 314 36.56 11.01 11.54
C ALA B 314 36.99 10.62 12.95
N THR B 315 36.04 10.16 13.76
CA THR B 315 36.29 9.84 15.15
C THR B 315 37.02 8.50 15.31
N VAL B 316 36.66 7.52 14.48
CA VAL B 316 37.40 6.24 14.47
C VAL B 316 38.84 6.46 14.02
N ARG B 317 39.03 7.37 13.07
CA ARG B 317 40.37 7.73 12.62
C ARG B 317 41.18 8.35 13.75
N MET B 318 40.57 9.33 14.43
CA MET B 318 41.22 10.01 15.54
C MET B 318 41.61 9.02 16.65
N LEU B 319 40.72 8.09 16.98
CA LEU B 319 40.98 7.09 18.03
C LEU B 319 42.13 6.15 17.65
N LEU B 320 42.06 5.56 16.47
CA LEU B 320 43.15 4.73 15.95
C LEU B 320 44.43 5.56 15.78
N GLY B 321 44.30 6.83 15.43
CA GLY B 321 45.45 7.73 15.27
C GLY B 321 46.17 8.05 16.57
N LYS B 322 45.53 7.76 17.70
CA LYS B 322 46.16 7.89 19.01
C LYS B 322 46.38 6.53 19.68
N GLY B 323 46.44 5.48 18.87
CA GLY B 323 46.77 4.16 19.37
C GLY B 323 45.67 3.50 20.18
N VAL B 324 44.43 3.88 19.94
CA VAL B 324 43.30 3.16 20.51
C VAL B 324 43.11 1.93 19.64
N PRO B 325 43.25 0.72 20.24
CA PRO B 325 43.11 -0.49 19.45
C PRO B 325 41.69 -0.65 18.92
N ARG B 326 41.56 -1.12 17.68
CA ARG B 326 40.25 -1.19 17.00
C ARG B 326 39.24 -2.02 17.77
N ASP B 327 39.71 -3.06 18.47
CA ASP B 327 38.82 -3.94 19.25
C ASP B 327 38.12 -3.20 20.40
N GLN B 328 38.74 -2.15 20.92
CA GLN B 328 38.15 -1.34 21.99
C GLN B 328 37.14 -0.30 21.50
N ILE B 329 37.08 -0.09 20.19
CA ILE B 329 36.11 0.81 19.56
C ILE B 329 34.84 0.06 19.15
N HIS B 330 33.68 0.70 19.33
CA HIS B 330 32.40 0.13 18.88
C HIS B 330 31.55 1.24 18.25
N PHE B 331 30.94 0.95 17.10
CA PHE B 331 30.09 1.94 16.45
C PHE B 331 29.06 1.35 15.49
N ASP B 332 28.08 2.18 15.15
CA ASP B 332 27.06 1.85 14.15
C ASP B 332 26.94 2.99 13.14
N ALA B 333 27.34 2.70 11.90
CA ALA B 333 27.24 3.65 10.77
C ALA B 333 25.80 3.77 10.29
N PHE B 334 25.52 4.81 9.49
CA PHE B 334 24.16 5.12 9.02
C PHE B 334 23.91 4.59 7.59
N HIS C 2 -0.65 -3.99 -10.63
CA HIS C 2 0.47 -4.23 -9.66
C HIS C 2 0.12 -4.94 -8.34
N HIS C 3 -0.47 -6.13 -8.42
CA HIS C 3 -0.96 -6.85 -7.23
C HIS C 3 -1.38 -8.26 -7.60
N HIS C 4 -0.38 -9.10 -7.89
CA HIS C 4 -0.61 -10.40 -8.51
C HIS C 4 -1.33 -11.36 -7.58
N HIS C 5 -1.94 -12.37 -8.16
CA HIS C 5 -2.58 -13.42 -7.38
C HIS C 5 -2.21 -14.83 -7.83
N HIS C 6 -2.22 -15.76 -6.88
CA HIS C 6 -1.93 -17.17 -7.14
C HIS C 6 -3.18 -17.99 -6.92
N HIS C 7 -3.48 -18.86 -7.88
CA HIS C 7 -4.63 -19.73 -7.79
C HIS C 7 -4.15 -21.17 -7.60
N TYR C 8 -4.99 -21.94 -6.92
CA TYR C 8 -4.66 -23.33 -6.57
C TYR C 8 -5.93 -24.18 -6.48
N GLN C 9 -5.77 -25.50 -6.38
CA GLN C 9 -6.90 -26.41 -6.26
C GLN C 9 -7.32 -26.56 -4.78
N LEU C 10 -8.64 -26.57 -4.55
CA LEU C 10 -9.19 -26.77 -3.20
C LEU C 10 -9.88 -28.14 -3.12
N LYS C 11 -9.22 -29.11 -2.50
CA LYS C 11 -9.82 -30.42 -2.33
C LYS C 11 -10.38 -30.57 -0.92
N ILE C 12 -11.70 -30.61 -0.82
CA ILE C 12 -12.39 -30.82 0.45
C ILE C 12 -12.95 -32.25 0.43
N GLU C 13 -12.67 -33.01 1.48
CA GLU C 13 -13.04 -34.44 1.56
C GLU C 13 -14.57 -34.63 1.57
N GLY C 14 -15.08 -35.30 0.53
CA GLY C 14 -16.51 -35.57 0.41
C GLY C 14 -17.22 -34.63 -0.54
N GLN C 15 -16.48 -33.67 -1.09
CA GLN C 15 -17.01 -32.76 -2.10
C GLN C 15 -16.06 -32.70 -3.28
N ALA C 16 -16.53 -32.11 -4.37
CA ALA C 16 -15.72 -32.02 -5.59
C ALA C 16 -14.69 -30.92 -5.45
N PRO C 17 -13.54 -31.07 -6.12
CA PRO C 17 -12.50 -30.05 -6.00
C PRO C 17 -12.94 -28.71 -6.58
N GLY C 18 -12.76 -27.64 -5.81
CA GLY C 18 -12.97 -26.29 -6.29
C GLY C 18 -11.62 -25.61 -6.37
N THR C 19 -11.64 -24.28 -6.48
CA THR C 19 -10.41 -23.51 -6.52
C THR C 19 -10.25 -22.72 -5.23
N CYS C 20 -9.04 -22.21 -5.02
CA CYS C 20 -8.75 -21.24 -3.99
C CYS C 20 -7.46 -20.51 -4.35
N GLY C 21 -7.08 -19.52 -3.56
CA GLY C 21 -5.85 -18.82 -3.85
C GLY C 21 -5.42 -17.83 -2.80
N SER C 22 -4.66 -16.82 -3.24
CA SER C 22 -4.07 -15.86 -2.33
C SER C 22 -4.96 -14.65 -2.08
N ASP C 23 -5.97 -14.43 -2.94
CA ASP C 23 -6.80 -13.21 -2.82
C ASP C 23 -7.96 -13.38 -1.84
N LYS C 24 -8.76 -14.42 -2.04
CA LYS C 24 -9.93 -14.66 -1.21
C LYS C 24 -9.56 -15.59 -0.03
N SER C 25 -10.41 -15.66 0.97
CA SER C 25 -10.26 -16.64 2.04
C SER C 25 -10.75 -18.00 1.55
N LEU C 26 -10.24 -19.06 2.14
CA LEU C 26 -10.73 -20.43 1.89
C LEU C 26 -12.25 -20.54 2.04
N LEU C 27 -12.81 -19.77 2.96
CA LEU C 27 -14.26 -19.68 3.16
C LEU C 27 -15.00 -19.22 1.87
N VAL C 28 -14.82 -17.96 1.42
CA VAL C 28 -15.58 -17.50 0.25
C VAL C 28 -15.22 -18.33 -0.98
N SER C 29 -13.98 -18.82 -1.06
CA SER C 29 -13.59 -19.76 -2.13
C SER C 29 -14.54 -20.95 -2.18
N ALA C 30 -14.71 -21.63 -1.04
CA ALA C 30 -15.63 -22.76 -0.93
C ALA C 30 -17.08 -22.34 -1.19
N LEU C 31 -17.49 -21.22 -0.60
CA LEU C 31 -18.81 -20.63 -0.86
C LEU C 31 -19.01 -20.15 -2.32
N ALA C 32 -17.93 -19.82 -3.01
CA ALA C 32 -17.97 -19.53 -4.46
C ALA C 32 -17.91 -20.81 -5.30
N ASN C 33 -17.76 -21.95 -4.64
CA ASN C 33 -17.92 -23.29 -5.24
C ASN C 33 -19.22 -23.99 -4.79
N GLY C 34 -20.09 -23.25 -4.11
CA GLY C 34 -21.41 -23.76 -3.72
C GLY C 34 -21.36 -24.80 -2.63
N ILE C 35 -20.32 -24.74 -1.80
CA ILE C 35 -20.09 -25.71 -0.73
C ILE C 35 -20.50 -25.08 0.60
N GLY C 36 -21.46 -25.71 1.27
CA GLY C 36 -21.91 -25.28 2.58
C GLY C 36 -20.92 -25.62 3.68
N LEU C 37 -19.74 -25.02 3.61
CA LEU C 37 -18.74 -25.09 4.67
C LEU C 37 -19.20 -24.09 5.73
N PRO C 38 -19.43 -24.58 6.96
CA PRO C 38 -20.03 -23.76 8.01
C PRO C 38 -19.29 -22.48 8.35
N TYR C 39 -20.05 -21.44 8.66
CA TYR C 39 -19.49 -20.14 9.05
C TYR C 39 -20.58 -19.31 9.71
N GLU C 40 -20.16 -18.30 10.46
CA GLU C 40 -21.10 -17.46 11.19
C GLU C 40 -20.67 -15.98 11.07
N CYS C 41 -19.51 -15.66 11.64
CA CYS C 41 -19.04 -14.29 11.76
C CYS C 41 -18.07 -13.89 10.64
N ALA C 42 -17.46 -14.89 10.01
CA ALA C 42 -16.44 -14.69 8.97
C ALA C 42 -15.34 -13.71 9.39
N SER C 43 -15.19 -13.49 10.69
CA SER C 43 -14.26 -12.51 11.24
C SER C 43 -13.31 -13.09 12.32
N GLY C 44 -13.20 -14.41 12.39
CA GLY C 44 -12.27 -15.07 13.31
C GLY C 44 -12.71 -15.13 14.77
N GLY C 45 -14.00 -15.02 15.02
CA GLY C 45 -14.54 -14.98 16.38
C GLY C 45 -15.37 -16.19 16.74
N CYS C 46 -16.29 -16.58 15.88
CA CYS C 46 -17.28 -17.59 16.22
C CYS C 46 -16.66 -18.98 16.41
N GLY C 47 -15.65 -19.30 15.60
CA GLY C 47 -14.95 -20.57 15.68
C GLY C 47 -15.59 -21.66 14.84
N VAL C 48 -16.68 -21.35 14.17
CA VAL C 48 -17.52 -22.36 13.53
C VAL C 48 -16.93 -22.85 12.20
N CYS C 49 -16.06 -22.04 11.59
CA CYS C 49 -15.60 -22.33 10.23
C CYS C 49 -14.35 -23.20 10.16
N LYS C 50 -13.94 -23.77 11.30
CA LYS C 50 -12.66 -24.48 11.36
C LYS C 50 -12.67 -25.77 10.57
N PHE C 51 -11.47 -26.25 10.28
CA PHE C 51 -11.28 -27.39 9.42
C PHE C 51 -9.96 -28.08 9.75
N GLU C 52 -9.88 -29.36 9.40
CA GLU C 52 -8.70 -30.19 9.62
C GLU C 52 -7.83 -30.11 8.37
N LEU C 53 -6.60 -29.61 8.53
CA LEU C 53 -5.67 -29.51 7.40
C LEU C 53 -5.03 -30.90 7.17
N LEU C 54 -5.06 -31.36 5.92
CA LEU C 54 -4.51 -32.65 5.55
C LEU C 54 -3.26 -32.50 4.69
N GLU C 55 -3.35 -31.72 3.62
CA GLU C 55 -2.20 -31.44 2.76
C GLU C 55 -2.18 -29.99 2.25
N GLY C 56 -0.99 -29.40 2.21
CA GLY C 56 -0.79 -28.05 1.67
C GLY C 56 -0.49 -27.03 2.76
N THR C 57 0.01 -25.86 2.36
CA THR C 57 0.33 -24.79 3.31
C THR C 57 -0.61 -23.60 3.15
N VAL C 58 -1.06 -23.07 4.28
CA VAL C 58 -1.95 -21.90 4.31
C VAL C 58 -1.28 -20.75 5.04
N GLN C 59 -1.81 -19.53 4.87
CA GLN C 59 -1.36 -18.38 5.63
C GLN C 59 -2.52 -17.73 6.34
N SER C 60 -2.48 -17.74 7.66
CA SER C 60 -3.52 -17.11 8.46
C SER C 60 -3.37 -15.60 8.34
N MET C 61 -4.38 -14.96 7.75
CA MET C 61 -4.44 -13.50 7.69
C MET C 61 -4.54 -12.88 9.09
N TRP C 62 -4.76 -13.72 10.11
CA TRP C 62 -4.72 -13.25 11.47
C TRP C 62 -4.21 -14.34 12.43
N PRO C 63 -2.95 -14.20 12.92
CA PRO C 63 -2.31 -15.20 13.78
C PRO C 63 -2.96 -15.43 15.15
N ASP C 64 -3.68 -14.42 15.66
CA ASP C 64 -4.25 -14.46 17.02
C ASP C 64 -5.78 -14.59 17.04
N ALA C 65 -6.32 -15.44 16.18
CA ALA C 65 -7.79 -15.62 16.08
C ALA C 65 -8.39 -16.14 17.39
N PRO C 66 -9.28 -15.36 18.02
CA PRO C 66 -9.90 -15.72 19.32
C PRO C 66 -10.83 -16.95 19.27
N GLY C 67 -11.42 -17.21 18.11
CA GLY C 67 -12.25 -18.40 17.91
C GLY C 67 -11.43 -19.69 17.91
N LEU C 68 -10.22 -19.60 17.34
CA LEU C 68 -9.29 -20.74 17.30
C LEU C 68 -8.84 -21.16 18.71
N SER C 69 -9.13 -22.40 19.07
CA SER C 69 -8.68 -23.02 20.33
C SER C 69 -7.27 -23.65 20.22
N SER C 70 -6.68 -23.59 19.02
CA SER C 70 -5.24 -23.87 18.77
C SER C 70 -4.81 -25.28 19.25
N GLY C 76 -1.40 -27.00 15.80
CA GLY C 76 -0.75 -27.02 14.50
C GLY C 76 -1.64 -27.53 13.37
N ASN C 77 -2.69 -28.25 13.73
CA ASN C 77 -3.58 -28.92 12.78
C ASN C 77 -4.73 -28.02 12.32
N ARG C 78 -5.40 -27.37 13.27
CA ARG C 78 -6.67 -26.67 12.99
C ARG C 78 -6.52 -25.18 12.62
N HIS C 79 -7.35 -24.76 11.67
CA HIS C 79 -7.36 -23.38 11.21
C HIS C 79 -8.79 -22.95 10.95
N LEU C 80 -9.00 -21.64 10.96
CA LEU C 80 -10.30 -21.05 10.64
C LEU C 80 -10.33 -20.73 9.17
N ALA C 81 -11.39 -21.13 8.47
CA ALA C 81 -11.48 -20.93 7.01
C ALA C 81 -11.57 -19.47 6.61
N CYS C 82 -12.25 -18.69 7.43
CA CYS C 82 -12.49 -17.30 7.14
C CYS C 82 -11.26 -16.46 7.40
N GLN C 83 -10.19 -17.08 7.90
CA GLN C 83 -8.97 -16.36 8.24
C GLN C 83 -7.75 -16.83 7.48
N CYS C 84 -7.91 -17.81 6.60
CA CYS C 84 -6.78 -18.38 5.88
C CYS C 84 -6.85 -18.15 4.38
N ILE C 85 -5.68 -17.98 3.79
CA ILE C 85 -5.47 -17.97 2.35
C ILE C 85 -4.50 -19.08 1.96
N ALA C 86 -4.61 -19.55 0.72
CA ALA C 86 -3.83 -20.67 0.18
C ALA C 86 -2.52 -20.23 -0.45
N LEU C 87 -1.48 -21.04 -0.27
CA LEU C 87 -0.19 -20.81 -0.91
C LEU C 87 0.28 -22.03 -1.68
N SER C 88 -0.65 -22.95 -1.94
CA SER C 88 -0.38 -24.19 -2.64
C SER C 88 -1.72 -24.84 -2.90
N ASP C 89 -1.73 -25.95 -3.61
CA ASP C 89 -2.95 -26.77 -3.70
C ASP C 89 -3.23 -27.32 -2.30
N LEU C 90 -4.50 -27.41 -1.94
CA LEU C 90 -4.91 -27.72 -0.59
C LEU C 90 -5.87 -28.86 -0.56
N ARG C 91 -5.82 -29.58 0.56
CA ARG C 91 -6.74 -30.65 0.84
C ARG C 91 -7.12 -30.51 2.32
N ILE C 92 -8.40 -30.26 2.59
CA ILE C 92 -8.91 -30.08 3.95
C ILE C 92 -10.14 -30.95 4.23
N LYS C 93 -10.61 -30.95 5.47
CA LYS C 93 -11.81 -31.70 5.87
C LYS C 93 -12.67 -30.84 6.80
N VAL C 94 -13.98 -30.88 6.58
CA VAL C 94 -14.96 -30.18 7.42
C VAL C 94 -16.37 -30.68 7.11
N ALA C 95 -17.19 -30.87 8.14
CA ALA C 95 -18.55 -31.37 7.98
C ALA C 95 -19.42 -30.28 7.34
N VAL C 96 -19.81 -30.50 6.08
CA VAL C 96 -20.47 -29.45 5.28
C VAL C 96 -21.99 -29.60 5.23
N GLN C 97 -22.68 -28.75 5.98
CA GLN C 97 -24.13 -28.75 6.00
C GLN C 97 -24.65 -27.93 4.81
N ASP C 98 -25.79 -28.35 4.26
CA ASP C 98 -26.37 -27.70 3.09
C ASP C 98 -27.00 -26.34 3.41
N LYS C 99 -27.29 -26.09 4.69
CA LYS C 99 -27.87 -24.81 5.11
C LYS C 99 -26.94 -23.64 4.83
N TYR C 100 -25.64 -23.90 4.84
CA TYR C 100 -24.64 -22.87 4.62
C TYR C 100 -24.37 -22.63 3.13
N ILE C 101 -25.10 -23.32 2.26
CA ILE C 101 -24.99 -23.11 0.82
C ILE C 101 -25.64 -21.75 0.49
N PRO C 102 -24.93 -20.89 -0.23
CA PRO C 102 -25.44 -19.55 -0.57
C PRO C 102 -26.63 -19.58 -1.52
N ALA C 103 -27.72 -18.93 -1.14
CA ALA C 103 -28.90 -18.82 -2.02
C ALA C 103 -28.64 -17.82 -3.14
N ILE C 104 -27.79 -16.84 -2.86
CA ILE C 104 -27.32 -15.90 -3.84
C ILE C 104 -25.80 -16.02 -3.95
N PRO C 105 -25.27 -16.05 -5.18
CA PRO C 105 -23.82 -16.20 -5.38
C PRO C 105 -23.02 -15.07 -4.76
N ILE C 106 -21.85 -15.40 -4.22
CA ILE C 106 -20.97 -14.43 -3.57
C ILE C 106 -19.95 -13.96 -4.57
N SER C 107 -19.58 -12.69 -4.47
CA SER C 107 -18.56 -12.13 -5.35
C SER C 107 -17.91 -10.95 -4.67
N LYS C 108 -16.71 -10.61 -5.12
CA LYS C 108 -16.07 -9.35 -4.72
C LYS C 108 -16.55 -8.31 -5.70
N MET C 109 -16.97 -7.15 -5.22
CA MET C 109 -17.39 -6.06 -6.15
C MET C 109 -16.95 -4.70 -5.73
N GLU C 110 -16.36 -4.00 -6.69
CA GLU C 110 -16.06 -2.55 -6.63
C GLU C 110 -17.28 -1.76 -6.16
N ALA C 111 -17.11 -0.87 -5.19
CA ALA C 111 -18.21 -0.02 -4.70
C ALA C 111 -17.74 1.37 -4.30
N GLU C 112 -18.58 2.38 -4.56
CA GLU C 112 -18.28 3.79 -4.23
C GLU C 112 -19.30 4.33 -3.19
N VAL C 113 -18.83 5.11 -2.22
CA VAL C 113 -19.73 5.71 -1.23
C VAL C 113 -20.49 6.90 -1.83
N VAL C 114 -21.82 6.80 -1.82
CA VAL C 114 -22.66 7.82 -2.43
C VAL C 114 -23.33 8.72 -1.39
N ALA C 115 -23.59 8.20 -0.19
CA ALA C 115 -24.29 8.99 0.83
C ALA C 115 -23.86 8.66 2.25
N VAL C 116 -23.83 9.69 3.10
CA VAL C 116 -23.52 9.52 4.51
C VAL C 116 -24.51 10.23 5.41
N ARG C 117 -25.15 9.51 6.34
CA ARG C 117 -26.03 10.11 7.35
C ARG C 117 -25.47 9.92 8.77
N ALA C 118 -25.38 10.99 9.55
CA ALA C 118 -25.09 10.90 10.96
C ALA C 118 -26.38 10.60 11.70
N LEU C 119 -26.52 9.35 12.15
CA LEU C 119 -27.70 8.92 12.90
C LEU C 119 -27.57 9.36 14.36
N THR C 120 -26.40 9.14 14.95
CA THR C 120 -26.05 9.70 16.26
C THR C 120 -24.64 10.28 16.20
N HIS C 121 -24.18 10.83 17.31
CA HIS C 121 -22.83 11.35 17.43
C HIS C 121 -21.76 10.34 17.00
N ASP C 122 -22.07 9.05 17.07
CA ASP C 122 -21.12 8.02 16.66
C ASP C 122 -21.70 6.85 15.85
N LEU C 123 -22.95 6.97 15.39
CA LEU C 123 -23.55 5.96 14.52
C LEU C 123 -23.73 6.58 13.15
N LEU C 124 -23.23 5.92 12.12
CA LEU C 124 -23.15 6.52 10.81
C LEU C 124 -23.82 5.61 9.80
N SER C 125 -24.69 6.17 8.96
CA SER C 125 -25.25 5.42 7.84
C SER C 125 -24.40 5.67 6.64
N VAL C 126 -24.00 4.63 5.94
CA VAL C 126 -23.15 4.75 4.77
C VAL C 126 -23.77 3.92 3.67
N LYS C 127 -24.05 4.57 2.55
CA LYS C 127 -24.60 3.87 1.40
C LYS C 127 -23.55 3.86 0.31
N LEU C 128 -23.32 2.69 -0.28
CA LEU C 128 -22.34 2.53 -1.36
C LEU C 128 -23.08 2.07 -2.60
N ARG C 129 -22.54 2.42 -3.78
CA ARG C 129 -23.11 1.96 -5.06
C ARG C 129 -22.15 1.02 -5.78
N THR C 130 -22.71 -0.09 -6.28
CA THR C 130 -21.98 -1.06 -7.11
C THR C 130 -22.49 -0.98 -8.54
N ASP C 131 -21.68 -1.43 -9.49
CA ASP C 131 -22.08 -1.44 -10.91
C ASP C 131 -23.08 -2.57 -11.21
N VAL C 132 -22.95 -3.66 -10.47
CA VAL C 132 -23.94 -4.74 -10.53
C VAL C 132 -25.14 -4.39 -9.64
N PRO C 133 -26.25 -5.13 -9.78
CA PRO C 133 -27.40 -4.90 -8.90
C PRO C 133 -27.08 -5.27 -7.47
N ALA C 134 -27.92 -4.82 -6.55
CA ALA C 134 -27.75 -5.11 -5.14
C ALA C 134 -28.69 -6.25 -4.79
N ASN C 135 -28.16 -7.47 -4.78
CA ASN C 135 -28.99 -8.66 -4.55
C ASN C 135 -28.61 -9.41 -3.28
N PHE C 136 -29.47 -9.32 -2.28
CA PHE C 136 -29.23 -9.88 -0.98
C PHE C 136 -30.51 -10.06 -0.19
N LEU C 137 -30.50 -11.01 0.73
CA LEU C 137 -31.65 -11.28 1.57
C LEU C 137 -31.58 -10.42 2.82
N PRO C 138 -32.73 -9.99 3.34
CA PRO C 138 -32.74 -9.18 4.55
C PRO C 138 -32.14 -9.91 5.75
N GLY C 139 -31.12 -9.33 6.34
CA GLY C 139 -30.39 -9.95 7.45
C GLY C 139 -28.97 -10.37 7.08
N GLN C 140 -28.68 -10.43 5.79
CA GLN C 140 -27.35 -10.79 5.31
C GLN C 140 -26.37 -9.66 5.53
N PHE C 141 -25.09 -9.94 5.28
CA PHE C 141 -24.01 -8.97 5.54
C PHE C 141 -22.97 -8.98 4.42
N CYS C 142 -21.97 -8.11 4.53
CA CYS C 142 -20.85 -8.08 3.59
C CYS C 142 -19.52 -7.91 4.29
N LEU C 143 -18.47 -8.48 3.71
CA LEU C 143 -17.13 -8.13 4.11
C LEU C 143 -16.69 -6.87 3.32
N ILE C 144 -16.39 -5.79 4.07
CA ILE C 144 -15.99 -4.52 3.50
C ILE C 144 -14.51 -4.22 3.77
N GLU C 145 -13.79 -3.88 2.71
CA GLU C 145 -12.40 -3.45 2.79
C GLU C 145 -12.25 -2.17 1.98
N ALA C 146 -11.47 -1.22 2.48
CA ALA C 146 -11.31 0.07 1.81
C ALA C 146 -10.06 0.07 0.95
N GLU C 147 -10.14 0.69 -0.22
CA GLU C 147 -8.96 0.87 -1.08
C GLU C 147 -7.86 1.61 -0.31
N GLN C 148 -8.27 2.55 0.54
CA GLN C 148 -7.36 3.36 1.33
C GLN C 148 -6.90 2.69 2.63
N LEU C 149 -7.66 1.70 3.09
CA LEU C 149 -7.24 0.80 4.18
C LEU C 149 -7.14 -0.62 3.63
N PRO C 150 -5.96 -0.98 3.09
CA PRO C 150 -5.76 -2.26 2.41
C PRO C 150 -5.93 -3.51 3.30
N GLY C 151 -5.36 -3.50 4.49
CA GLY C 151 -5.38 -4.70 5.34
C GLY C 151 -6.72 -4.99 6.00
N VAL C 152 -7.54 -3.96 6.18
CA VAL C 152 -8.68 -4.03 7.07
C VAL C 152 -9.97 -4.47 6.38
N VAL C 153 -10.43 -5.66 6.74
CA VAL C 153 -11.68 -6.24 6.24
C VAL C 153 -12.62 -6.45 7.43
N ARG C 154 -13.85 -5.95 7.34
CA ARG C 154 -14.81 -6.05 8.43
C ARG C 154 -16.20 -6.40 7.91
N ALA C 155 -17.00 -7.03 8.77
CA ALA C 155 -18.36 -7.42 8.45
C ALA C 155 -19.32 -6.34 8.89
N TYR C 156 -20.35 -6.10 8.08
CA TYR C 156 -21.38 -5.11 8.38
C TYR C 156 -22.71 -5.56 7.76
N SER C 157 -23.78 -5.50 8.52
CA SER C 157 -25.08 -5.98 8.04
C SER C 157 -25.78 -4.93 7.16
N MET C 158 -26.40 -5.41 6.09
CA MET C 158 -27.13 -4.54 5.19
C MET C 158 -28.38 -4.00 5.83
N ALA C 159 -28.45 -2.66 5.90
CA ALA C 159 -29.56 -1.97 6.53
C ALA C 159 -30.78 -1.88 5.63
N ASN C 160 -30.52 -1.80 4.33
CA ASN C 160 -31.57 -1.56 3.32
C ASN C 160 -32.09 -2.85 2.68
N SER C 161 -32.84 -2.72 1.58
CA SER C 161 -33.42 -3.86 0.89
C SER C 161 -32.76 -4.09 -0.47
N MET C 162 -32.95 -5.30 -1.00
CA MET C 162 -32.57 -5.66 -2.37
C MET C 162 -33.12 -4.63 -3.37
N ASN C 163 -32.31 -4.24 -4.35
CA ASN C 163 -32.74 -3.27 -5.35
C ASN C 163 -31.99 -3.36 -6.68
N PRO C 164 -32.64 -2.94 -7.78
CA PRO C 164 -32.00 -2.93 -9.11
C PRO C 164 -30.85 -1.90 -9.22
N ASP C 165 -31.01 -0.77 -8.53
CA ASP C 165 -30.01 0.31 -8.51
C ASP C 165 -28.58 -0.14 -8.16
N GLY C 166 -28.45 -1.05 -7.20
CA GLY C 166 -27.14 -1.50 -6.76
C GLY C 166 -26.67 -0.69 -5.57
N PHE C 167 -27.60 -0.28 -4.72
CA PHE C 167 -27.26 0.42 -3.49
C PHE C 167 -27.15 -0.55 -2.30
N TRP C 168 -26.03 -0.48 -1.56
CA TRP C 168 -25.83 -1.24 -0.33
C TRP C 168 -25.66 -0.27 0.85
N GLU C 169 -26.50 -0.45 1.88
CA GLU C 169 -26.53 0.43 3.05
C GLU C 169 -26.13 -0.30 4.36
N PHE C 170 -25.28 0.38 5.14
CA PHE C 170 -24.75 -0.12 6.40
C PHE C 170 -24.79 0.95 7.46
N TYR C 171 -25.10 0.56 8.70
CA TYR C 171 -24.99 1.44 9.85
C TYR C 171 -23.77 0.97 10.61
N ILE C 172 -22.69 1.75 10.58
CA ILE C 172 -21.48 1.40 11.31
C ILE C 172 -21.29 2.27 12.55
N LYS C 173 -21.01 1.61 13.68
CA LYS C 173 -20.78 2.26 14.97
C LYS C 173 -19.31 2.52 15.15
N ARG C 174 -18.98 3.61 15.83
CA ARG C 174 -17.60 3.96 16.07
C ARG C 174 -17.08 3.24 17.29
N VAL C 175 -15.99 2.49 17.10
CA VAL C 175 -15.29 1.86 18.21
C VAL C 175 -13.87 2.42 18.28
N PRO C 176 -13.56 3.22 19.34
CA PRO C 176 -12.21 3.74 19.53
C PRO C 176 -11.20 2.63 19.84
N THR C 177 -9.95 2.83 19.43
CA THR C 177 -8.90 1.80 19.48
C THR C 177 -9.01 0.83 18.29
N GLY C 178 -10.02 1.02 17.44
CA GLY C 178 -10.27 0.15 16.31
C GLY C 178 -9.54 0.62 15.06
N ARG C 179 -9.62 -0.18 14.01
CA ARG C 179 -9.02 0.16 12.72
C ARG C 179 -10.01 0.85 11.78
N PHE C 180 -11.05 0.13 11.37
CA PHE C 180 -11.93 0.59 10.30
C PHE C 180 -12.76 1.79 10.70
N SER C 181 -13.52 1.65 11.79
CA SER C 181 -14.41 2.73 12.24
C SER C 181 -13.68 4.07 12.36
N PRO C 182 -12.56 4.09 13.12
CA PRO C 182 -11.86 5.37 13.20
C PRO C 182 -11.47 5.91 11.83
N TRP C 183 -10.93 5.07 10.96
CA TRP C 183 -10.63 5.51 9.59
C TRP C 183 -11.90 6.05 8.92
N LEU C 184 -12.99 5.30 9.08
CA LEU C 184 -14.24 5.63 8.44
C LEU C 184 -14.95 6.81 9.07
N PHE C 185 -14.59 7.20 10.27
CA PHE C 185 -15.17 8.40 10.86
C PHE C 185 -14.26 9.59 10.57
N GLU C 186 -12.94 9.40 10.69
CA GLU C 186 -12.01 10.49 10.47
C GLU C 186 -11.83 10.72 8.96
N ASN C 187 -11.43 9.66 8.25
CA ASN C 187 -11.11 9.73 6.81
C ASN C 187 -12.31 9.32 5.95
N ARG C 188 -13.51 9.56 6.46
CA ARG C 188 -14.75 9.15 5.79
C ARG C 188 -15.14 10.19 4.79
N LYS C 189 -15.57 9.72 3.61
CA LYS C 189 -15.92 10.64 2.54
C LYS C 189 -16.85 10.04 1.49
N VAL C 190 -17.64 10.92 0.86
CA VAL C 190 -18.46 10.55 -0.27
C VAL C 190 -17.53 10.40 -1.45
N GLY C 191 -17.74 9.37 -2.26
CA GLY C 191 -16.83 9.06 -3.35
C GLY C 191 -15.65 8.19 -2.93
N ALA C 192 -15.66 7.72 -1.68
CA ALA C 192 -14.63 6.80 -1.21
C ALA C 192 -14.84 5.46 -1.88
N ARG C 193 -13.75 4.76 -2.17
CA ARG C 193 -13.81 3.47 -2.85
C ARG C 193 -13.55 2.34 -1.87
N LEU C 194 -14.50 1.40 -1.82
CA LEU C 194 -14.36 0.20 -1.02
C LEU C 194 -14.58 -1.03 -1.89
N PHE C 195 -14.27 -2.19 -1.34
CA PHE C 195 -14.66 -3.46 -1.94
C PHE C 195 -15.68 -4.13 -1.03
N LEU C 196 -16.62 -4.85 -1.64
CA LEU C 196 -17.65 -5.58 -0.91
C LEU C 196 -17.63 -7.02 -1.35
N THR C 197 -17.36 -7.92 -0.39
CA THR C 197 -17.50 -9.36 -0.63
C THR C 197 -18.81 -9.80 0.00
N GLY C 198 -19.74 -10.24 -0.82
CA GLY C 198 -21.09 -10.51 -0.36
C GLY C 198 -21.96 -11.13 -1.42
N PRO C 199 -23.22 -11.37 -1.10
CA PRO C 199 -23.75 -11.31 0.24
C PRO C 199 -23.50 -12.61 0.98
N MET C 200 -23.53 -12.56 2.30
CA MET C 200 -23.41 -13.78 3.12
C MET C 200 -24.13 -13.68 4.45
N GLY C 201 -24.20 -14.81 5.15
CA GLY C 201 -24.95 -14.92 6.39
C GLY C 201 -26.09 -15.90 6.19
N THR C 202 -26.40 -16.65 7.25
CA THR C 202 -27.45 -17.65 7.17
C THR C 202 -28.68 -17.21 7.95
N SER C 203 -28.57 -16.10 8.70
CA SER C 203 -29.65 -15.65 9.56
C SER C 203 -30.57 -14.63 8.88
N PHE C 204 -30.90 -14.88 7.62
CA PHE C 204 -31.78 -13.99 6.86
C PHE C 204 -33.25 -14.19 7.25
N PHE C 205 -34.11 -13.26 6.85
CA PHE C 205 -35.53 -13.30 7.19
C PHE C 205 -36.17 -14.55 6.63
N ARG C 206 -36.95 -15.25 7.44
CA ARG C 206 -37.56 -16.53 7.07
C ARG C 206 -39.04 -16.33 6.72
N PRO C 207 -39.39 -16.41 5.42
CA PRO C 207 -40.78 -16.25 5.01
C PRO C 207 -41.55 -17.56 5.03
N GLY C 208 -42.88 -17.47 5.11
CA GLY C 208 -43.74 -18.66 5.12
C GLY C 208 -43.89 -19.32 6.48
N THR C 209 -43.36 -18.69 7.52
CA THR C 209 -43.42 -19.24 8.88
C THR C 209 -44.80 -19.04 9.50
N GLY C 210 -45.46 -17.94 9.16
CA GLY C 210 -46.81 -17.67 9.64
C GLY C 210 -46.90 -17.14 11.06
N ARG C 211 -45.76 -16.72 11.61
CA ARG C 211 -45.73 -16.11 12.95
C ARG C 211 -45.43 -14.62 12.83
N LYS C 212 -45.83 -13.88 13.85
CA LYS C 212 -45.54 -12.45 13.96
C LYS C 212 -44.03 -12.31 14.13
N SER C 213 -43.47 -11.16 13.77
CA SER C 213 -42.01 -11.00 13.82
C SER C 213 -41.56 -10.10 14.96
N LEU C 214 -40.58 -10.57 15.72
CA LEU C 214 -39.96 -9.75 16.76
C LEU C 214 -38.50 -9.50 16.42
N CYS C 215 -38.17 -8.24 16.24
CA CYS C 215 -36.80 -7.86 15.92
C CYS C 215 -36.18 -7.14 17.11
N ILE C 216 -35.02 -7.64 17.55
CA ILE C 216 -34.34 -7.11 18.73
C ILE C 216 -32.92 -6.70 18.31
N GLY C 217 -32.59 -5.43 18.50
CA GLY C 217 -31.29 -4.89 18.16
C GLY C 217 -30.67 -4.14 19.32
N GLY C 218 -29.35 -4.21 19.42
CA GLY C 218 -28.59 -3.48 20.43
C GLY C 218 -27.43 -2.74 19.78
N GLY C 219 -27.38 -1.43 19.99
CA GLY C 219 -26.35 -0.60 19.36
C GLY C 219 -26.20 -0.91 17.89
N ALA C 220 -25.05 -1.46 17.52
CA ALA C 220 -24.74 -1.79 16.12
C ALA C 220 -25.76 -2.73 15.45
N GLY C 221 -26.41 -3.59 16.24
CA GLY C 221 -27.45 -4.50 15.72
C GLY C 221 -28.66 -3.85 15.03
N LEU C 222 -28.72 -2.52 15.03
CA LEU C 222 -29.81 -1.78 14.38
C LEU C 222 -30.02 -2.18 12.92
N SER C 223 -28.92 -2.36 12.20
CA SER C 223 -28.98 -2.70 10.79
C SER C 223 -29.71 -4.02 10.56
N TYR C 224 -29.27 -5.06 11.25
CA TYR C 224 -29.86 -6.39 11.08
C TYR C 224 -31.35 -6.40 11.47
N ALA C 225 -31.66 -5.82 12.63
CA ALA C 225 -33.04 -5.73 13.11
C ALA C 225 -33.95 -4.86 12.23
N ALA C 226 -33.48 -3.67 11.85
CA ALA C 226 -34.29 -2.76 11.04
C ALA C 226 -34.58 -3.33 9.64
N ALA C 227 -33.59 -3.98 9.05
CA ALA C 227 -33.75 -4.58 7.74
C ALA C 227 -34.79 -5.68 7.75
N ILE C 228 -34.76 -6.51 8.78
CA ILE C 228 -35.68 -7.63 8.86
C ILE C 228 -37.09 -7.16 9.20
N ALA C 229 -37.16 -6.10 10.01
CA ALA C 229 -38.43 -5.46 10.35
C ALA C 229 -39.12 -4.97 9.10
N ARG C 230 -38.44 -4.10 8.34
CA ARG C 230 -39.01 -3.51 7.14
C ARG C 230 -39.40 -4.58 6.12
N ALA C 231 -38.69 -5.70 6.14
CA ALA C 231 -38.99 -6.83 5.26
C ALA C 231 -40.21 -7.60 5.71
N SER C 232 -40.38 -7.71 7.03
CA SER C 232 -41.50 -8.42 7.62
C SER C 232 -42.83 -7.67 7.48
N ILE C 233 -42.75 -6.40 7.11
CA ILE C 233 -43.93 -5.59 6.82
C ILE C 233 -44.24 -5.63 5.32
N ARG C 234 -43.23 -5.97 4.53
CA ARG C 234 -43.37 -6.07 3.08
C ARG C 234 -44.37 -7.17 2.70
N GLU C 235 -44.43 -8.23 3.52
CA GLU C 235 -45.28 -9.38 3.21
C GLU C 235 -46.46 -9.62 4.18
N THR C 236 -46.14 -9.84 5.45
CA THR C 236 -47.04 -10.55 6.37
C THR C 236 -48.48 -10.06 6.33
N ASP C 237 -48.66 -8.74 6.41
CA ASP C 237 -49.96 -8.13 6.73
C ASP C 237 -50.22 -8.23 8.24
N LYS C 238 -49.53 -9.17 8.89
CA LYS C 238 -49.59 -9.36 10.35
C LYS C 238 -48.69 -8.34 11.03
N PRO C 239 -48.95 -8.05 12.33
CA PRO C 239 -48.16 -7.05 13.03
C PRO C 239 -46.67 -7.43 13.15
N VAL C 240 -45.84 -6.44 13.43
CA VAL C 240 -44.40 -6.63 13.60
C VAL C 240 -43.93 -5.71 14.73
N LYS C 241 -43.00 -6.20 15.54
CA LYS C 241 -42.51 -5.42 16.67
C LYS C 241 -40.99 -5.32 16.68
N LEU C 242 -40.49 -4.10 16.87
CA LEU C 242 -39.06 -3.79 16.85
C LEU C 242 -38.65 -3.18 18.19
N PHE C 243 -37.57 -3.68 18.76
CA PHE C 243 -37.08 -3.24 20.04
C PHE C 243 -35.60 -2.95 19.93
N TYR C 244 -35.22 -1.69 20.17
CA TYR C 244 -33.83 -1.29 20.03
C TYR C 244 -33.27 -0.86 21.38
N GLY C 245 -32.09 -1.34 21.72
CA GLY C 245 -31.41 -0.96 22.96
C GLY C 245 -30.05 -0.31 22.71
N SER C 246 -29.77 0.76 23.47
CA SER C 246 -28.47 1.42 23.37
C SER C 246 -28.00 1.88 24.73
N ARG C 247 -26.76 2.35 24.80
CA ARG C 247 -26.12 2.73 26.07
C ARG C 247 -26.79 3.95 26.74
N THR C 248 -26.77 5.12 26.09
CA THR C 248 -27.39 6.36 26.65
C THR C 248 -28.47 6.92 25.74
N PRO C 249 -29.13 8.03 26.15
CA PRO C 249 -30.06 8.73 25.25
C PRO C 249 -29.38 9.42 24.07
N ARG C 250 -28.06 9.60 24.15
CA ARG C 250 -27.28 10.13 23.04
C ARG C 250 -26.94 9.06 22.01
N ASP C 251 -27.22 7.79 22.35
CA ASP C 251 -27.12 6.68 21.40
C ASP C 251 -28.48 6.39 20.75
N ALA C 252 -29.50 7.14 21.15
CA ALA C 252 -30.83 6.96 20.60
C ALA C 252 -30.94 7.51 19.21
N VAL C 253 -31.80 6.89 18.40
CA VAL C 253 -32.07 7.34 17.03
C VAL C 253 -33.51 7.76 16.88
N ARG C 254 -33.77 8.60 15.88
CA ARG C 254 -35.13 8.94 15.49
C ARG C 254 -35.49 8.07 14.29
N TRP C 255 -36.64 7.40 14.38
CA TRP C 255 -37.01 6.37 13.42
C TRP C 255 -37.25 6.88 12.00
N ILE C 256 -37.39 8.19 11.85
CA ILE C 256 -37.44 8.80 10.52
C ILE C 256 -36.11 8.52 9.82
N ASP C 257 -35.00 8.70 10.56
CA ASP C 257 -33.65 8.55 10.03
C ASP C 257 -33.24 7.12 9.74
N ILE C 258 -34.05 6.16 10.16
CA ILE C 258 -33.85 4.75 9.86
C ILE C 258 -34.80 4.32 8.74
N ASP C 259 -35.48 5.30 8.14
CA ASP C 259 -36.40 5.09 7.01
C ASP C 259 -37.53 4.11 7.32
N ILE C 260 -37.96 4.06 8.59
CA ILE C 260 -39.03 3.13 9.04
C ILE C 260 -40.28 3.93 9.48
N ASP C 261 -41.44 3.49 9.01
CA ASP C 261 -42.71 4.12 9.36
C ASP C 261 -43.14 3.74 10.77
N GLU C 262 -43.22 4.75 11.63
CA GLU C 262 -43.49 4.55 13.05
C GLU C 262 -44.89 3.98 13.26
N ASP C 263 -45.84 4.40 12.42
CA ASP C 263 -47.23 3.98 12.54
C ASP C 263 -47.49 2.53 12.09
N LYS C 264 -46.64 1.99 11.22
CA LYS C 264 -46.85 0.66 10.63
C LYS C 264 -46.27 -0.50 11.44
N LEU C 265 -45.52 -0.21 12.50
CA LEU C 265 -45.07 -1.26 13.43
C LEU C 265 -44.93 -0.75 14.86
N GLU C 266 -44.96 -1.67 15.82
CA GLU C 266 -44.71 -1.33 17.23
C GLU C 266 -43.21 -1.17 17.42
N VAL C 267 -42.78 0.06 17.65
CA VAL C 267 -41.36 0.37 17.83
C VAL C 267 -41.15 0.89 19.26
N VAL C 268 -40.23 0.26 19.98
CA VAL C 268 -39.88 0.69 21.34
C VAL C 268 -38.36 0.87 21.40
N GLN C 269 -37.92 2.05 21.84
CA GLN C 269 -36.49 2.31 22.01
C GLN C 269 -36.16 2.28 23.50
N ALA C 270 -35.10 1.57 23.84
CA ALA C 270 -34.64 1.48 25.20
C ALA C 270 -33.22 1.99 25.35
N VAL C 271 -32.89 2.40 26.57
CA VAL C 271 -31.60 2.96 26.94
C VAL C 271 -31.24 2.46 28.33
N THR C 272 -29.95 2.23 28.58
CA THR C 272 -29.48 1.72 29.88
C THR C 272 -29.39 2.81 30.96
N GLU C 273 -28.37 3.67 30.91
CA GLU C 273 -28.22 4.74 31.89
C GLU C 273 -28.81 5.99 31.26
N ASP C 274 -29.57 6.76 32.04
CA ASP C 274 -30.11 8.03 31.56
C ASP C 274 -29.68 9.18 32.48
N THR C 275 -28.36 9.34 32.62
CA THR C 275 -27.77 10.34 33.52
C THR C 275 -28.43 11.72 33.39
N ASP C 276 -28.50 12.23 32.16
CA ASP C 276 -29.27 13.46 31.90
C ASP C 276 -30.73 13.06 31.69
N SER C 277 -31.52 13.21 32.74
CA SER C 277 -32.86 12.63 32.80
C SER C 277 -33.85 13.45 31.98
N LEU C 278 -33.82 13.22 30.67
CA LEU C 278 -34.87 13.68 29.77
C LEU C 278 -35.56 12.47 29.11
N TRP C 279 -35.19 11.27 29.55
CA TRP C 279 -35.61 10.03 28.90
C TRP C 279 -36.98 9.56 29.35
N GLN C 280 -37.89 9.52 28.39
CA GLN C 280 -39.29 9.16 28.62
C GLN C 280 -39.51 7.64 28.63
N GLY C 281 -38.86 6.95 27.70
CA GLY C 281 -39.12 5.53 27.45
C GLY C 281 -38.57 4.56 28.49
N PRO C 282 -38.44 3.27 28.14
CA PRO C 282 -37.95 2.23 29.02
C PRO C 282 -36.48 2.31 29.35
N ILE C 283 -36.12 1.91 30.58
CA ILE C 283 -34.74 1.87 31.05
C ILE C 283 -34.35 0.45 31.42
N GLY C 284 -33.18 0.01 30.96
CA GLY C 284 -32.66 -1.33 31.27
C GLY C 284 -31.86 -1.94 30.12
N PHE C 285 -31.81 -3.26 30.11
CA PHE C 285 -31.15 -4.02 29.04
C PHE C 285 -32.25 -4.55 28.13
N ILE C 286 -32.03 -4.43 26.81
CA ILE C 286 -33.10 -4.65 25.83
C ILE C 286 -33.85 -5.99 26.02
N HIS C 287 -33.09 -7.04 26.25
CA HIS C 287 -33.67 -8.37 26.50
C HIS C 287 -34.70 -8.35 27.64
N GLN C 288 -34.36 -7.67 28.74
CA GLN C 288 -35.28 -7.55 29.88
C GLN C 288 -36.45 -6.64 29.53
N VAL C 289 -36.17 -5.63 28.72
CA VAL C 289 -37.19 -4.68 28.25
C VAL C 289 -38.16 -5.39 27.32
N VAL C 290 -37.63 -6.22 26.41
CA VAL C 290 -38.43 -7.12 25.58
C VAL C 290 -39.17 -8.12 26.48
N ASP C 291 -38.44 -8.75 27.40
CA ASP C 291 -39.01 -9.76 28.32
C ASP C 291 -40.24 -9.26 29.03
N ALA C 292 -40.07 -8.19 29.81
CA ALA C 292 -41.16 -7.60 30.59
C ALA C 292 -42.07 -6.71 29.73
N ALA C 293 -42.45 -7.22 28.57
CA ALA C 293 -43.35 -6.51 27.64
C ALA C 293 -44.25 -7.47 26.84
N LEU C 294 -43.85 -8.73 26.71
CA LEU C 294 -44.66 -9.78 26.07
C LEU C 294 -44.63 -11.16 26.77
N LEU C 295 -43.75 -11.32 27.77
CA LEU C 295 -43.58 -12.57 28.56
C LEU C 295 -44.10 -13.89 27.98
N GLU C 296 -45.42 -14.08 28.01
CA GLU C 296 -46.04 -15.36 27.65
C GLU C 296 -46.51 -15.41 26.19
N THR C 297 -46.60 -14.25 25.55
CA THR C 297 -47.00 -14.19 24.13
C THR C 297 -45.78 -14.28 23.19
N LEU C 298 -44.58 -14.31 23.75
CA LEU C 298 -43.33 -14.39 22.97
C LEU C 298 -43.22 -15.56 21.97
N PRO C 299 -43.75 -16.76 22.32
CA PRO C 299 -43.72 -17.91 21.41
C PRO C 299 -44.46 -17.69 20.08
N GLU C 300 -45.47 -16.82 20.09
CA GLU C 300 -46.22 -16.51 18.88
C GLU C 300 -45.41 -15.78 17.84
N TYR C 301 -44.15 -15.48 18.17
CA TYR C 301 -43.29 -14.64 17.33
C TYR C 301 -42.16 -15.40 16.65
N GLU C 302 -41.75 -14.90 15.49
CA GLU C 302 -40.50 -15.28 14.85
C GLU C 302 -39.47 -14.24 15.23
N ILE C 303 -38.43 -14.64 15.97
CA ILE C 303 -37.50 -13.68 16.58
C ILE C 303 -36.14 -13.62 15.86
N TYR C 304 -35.73 -12.40 15.53
CA TYR C 304 -34.44 -12.10 14.91
C TYR C 304 -33.70 -11.09 15.76
N LEU C 305 -32.40 -11.33 16.01
CA LEU C 305 -31.65 -10.40 16.87
C LEU C 305 -30.19 -10.26 16.50
N ALA C 306 -29.59 -9.16 16.94
CA ALA C 306 -28.20 -8.82 16.58
C ALA C 306 -27.63 -7.74 17.51
N GLY C 307 -26.30 -7.67 17.53
CA GLY C 307 -25.57 -6.80 18.44
C GLY C 307 -24.33 -7.46 19.03
N PRO C 308 -23.70 -6.80 20.01
CA PRO C 308 -22.47 -7.33 20.59
C PRO C 308 -22.66 -8.74 21.19
N PRO C 309 -21.61 -9.58 21.14
CA PRO C 309 -21.71 -10.96 21.67
C PRO C 309 -22.36 -11.10 23.07
N PRO C 310 -22.06 -10.19 24.01
CA PRO C 310 -22.77 -10.20 25.29
C PRO C 310 -24.27 -9.92 25.20
N MET C 311 -24.66 -8.92 24.40
CA MET C 311 -26.07 -8.56 24.26
C MET C 311 -26.88 -9.75 23.76
N VAL C 312 -26.33 -10.43 22.76
CA VAL C 312 -26.97 -11.55 22.10
C VAL C 312 -27.13 -12.70 23.11
N ASP C 313 -26.09 -12.94 23.90
CA ASP C 313 -26.14 -13.99 24.94
C ASP C 313 -27.36 -13.85 25.82
N ALA C 314 -27.50 -12.69 26.45
CA ALA C 314 -28.55 -12.49 27.46
C ALA C 314 -29.94 -12.60 26.87
N THR C 315 -30.07 -12.13 25.64
CA THR C 315 -31.35 -12.12 24.92
C THR C 315 -31.78 -13.52 24.50
N VAL C 316 -30.82 -14.34 24.05
CA VAL C 316 -31.08 -15.73 23.71
C VAL C 316 -31.22 -16.57 24.99
N ARG C 317 -30.29 -16.37 25.93
CA ARG C 317 -30.29 -17.12 27.18
C ARG C 317 -31.63 -16.99 27.91
N MET C 318 -32.21 -15.80 27.86
CA MET C 318 -33.52 -15.54 28.46
C MET C 318 -34.63 -16.13 27.59
N LEU C 319 -34.66 -15.69 26.33
CA LEU C 319 -35.74 -16.00 25.37
C LEU C 319 -35.93 -17.50 25.19
N LEU C 320 -34.82 -18.21 25.03
CA LEU C 320 -34.80 -19.67 24.90
C LEU C 320 -35.43 -20.30 26.12
N GLY C 321 -34.96 -19.90 27.29
CA GLY C 321 -35.47 -20.42 28.57
C GLY C 321 -36.62 -19.57 29.09
N LYS C 322 -37.55 -19.24 28.21
CA LYS C 322 -38.79 -18.58 28.63
C LYS C 322 -39.98 -18.99 27.74
N GLY C 323 -39.88 -20.17 27.11
CA GLY C 323 -41.00 -20.77 26.37
C GLY C 323 -40.92 -20.73 24.85
N VAL C 324 -39.81 -20.21 24.31
CA VAL C 324 -39.68 -19.99 22.87
C VAL C 324 -38.75 -21.04 22.22
N PRO C 325 -39.21 -21.67 21.12
CA PRO C 325 -38.38 -22.65 20.40
C PRO C 325 -37.07 -22.09 19.83
N ARG C 326 -36.08 -22.96 19.70
CA ARG C 326 -34.74 -22.56 19.25
C ARG C 326 -34.76 -22.19 17.77
N ASP C 327 -35.45 -23.00 16.97
CA ASP C 327 -35.54 -22.77 15.52
C ASP C 327 -36.36 -21.52 15.17
N GLN C 328 -36.99 -20.93 16.18
CA GLN C 328 -37.68 -19.66 16.01
C GLN C 328 -36.80 -18.46 16.36
N ILE C 329 -35.57 -18.73 16.82
CA ILE C 329 -34.61 -17.70 17.14
C ILE C 329 -33.54 -17.64 16.06
N HIS C 330 -33.23 -16.43 15.61
CA HIS C 330 -32.17 -16.20 14.62
C HIS C 330 -31.27 -15.07 15.08
N PHE C 331 -29.98 -15.15 14.77
CA PHE C 331 -29.05 -14.14 15.24
C PHE C 331 -27.73 -14.09 14.48
N ASP C 332 -27.14 -12.90 14.44
CA ASP C 332 -25.73 -12.75 14.08
C ASP C 332 -25.03 -11.96 15.18
N ALA C 333 -24.12 -12.62 15.89
CA ALA C 333 -23.33 -12.00 16.94
C ALA C 333 -22.12 -11.31 16.32
N PHE C 334 -21.92 -10.04 16.67
CA PHE C 334 -20.94 -9.20 15.96
C PHE C 334 -19.54 -9.34 16.53
N PHE C 335 -18.92 -10.49 16.24
CA PHE C 335 -17.55 -10.79 16.67
C PHE C 335 -16.56 -9.89 15.92
PA FAD D . -10.39 7.55 -16.14
O1A FAD D . -11.78 7.88 -16.71
O2A FAD D . -10.21 6.96 -14.75
O5B FAD D . -9.63 6.59 -17.16
C5B FAD D . -9.84 6.82 -18.56
C4B FAD D . -8.90 5.95 -19.38
O4B FAD D . -8.20 5.00 -18.57
C3B FAD D . -9.65 5.18 -20.46
O3B FAD D . -9.71 5.91 -21.70
C2B FAD D . -8.84 3.90 -20.58
O2B FAD D . -7.77 4.07 -21.51
C1B FAD D . -8.27 3.70 -19.18
N9A FAD D . -9.11 2.81 -18.37
C8A FAD D . -10.48 2.77 -18.33
N7A FAD D . -10.90 1.82 -17.45
C5A FAD D . -9.80 1.25 -16.91
C6A FAD D . -9.54 0.17 -15.92
N6A FAD D . -10.58 -0.47 -15.32
N1A FAD D . -8.24 -0.12 -15.64
C2A FAD D . -7.20 0.52 -16.24
N3A FAD D . -7.38 1.51 -17.15
C4A FAD D . -8.63 1.90 -17.52
N1 FAD D . -3.58 12.62 -20.87
C2 FAD D . -3.05 13.81 -20.51
O2 FAD D . -3.70 14.53 -19.74
N3 FAD D . -1.85 14.24 -20.98
C4 FAD D . -1.12 13.49 -21.83
O4 FAD D . -0.01 13.92 -22.23
C4X FAD D . -1.65 12.16 -22.24
N5 FAD D . -0.99 11.31 -23.09
C5X FAD D . -1.51 10.11 -23.46
C6 FAD D . -0.80 9.29 -24.33
C7 FAD D . -1.31 8.06 -24.72
C7M FAD D . -0.54 7.19 -25.67
C8 FAD D . -2.63 7.61 -24.19
C8M FAD D . -3.23 6.29 -24.58
C9 FAD D . -3.34 8.42 -23.32
C9A FAD D . -2.83 9.66 -22.94
N10 FAD D . -3.53 10.52 -22.06
C10 FAD D . -2.96 11.77 -21.71
C1' FAD D . -4.83 10.16 -21.49
C2' FAD D . -4.65 9.89 -19.98
O2' FAD D . -4.65 8.48 -19.76
C3' FAD D . -5.73 10.62 -19.19
O3' FAD D . -5.26 11.04 -17.90
C4' FAD D . -6.99 9.78 -19.03
O4' FAD D . -8.10 10.69 -18.93
C5' FAD D . -6.94 8.96 -17.74
O5' FAD D . -7.26 9.78 -16.62
P FAD D . -8.13 9.15 -15.43
O1P FAD D . -7.51 7.83 -15.06
O2P FAD D . -8.30 10.20 -14.37
O3P FAD D . -9.55 8.92 -16.18
FE1 FES E . -2.88 -2.64 -26.10
FE2 FES E . -3.50 -0.10 -27.45
S1 FES E . -1.59 -1.24 -27.17
S2 FES E . -4.81 -1.81 -26.84
I IOD F . 1.95 21.86 -5.02
I IOD G . 7.18 -7.32 -12.32
CL CL H . -7.53 -8.49 -22.50
CL CL I . 2.82 -2.05 -16.75
CL CL J . 10.39 -2.62 -16.80
CL CL K . 5.95 -21.56 -28.57
NI NI L . 3.37 -14.14 -4.89
PA FAD M . 16.22 8.97 3.49
O1A FAD M . 17.30 9.81 2.83
O2A FAD M . 14.95 8.68 2.74
O5B FAD M . 16.93 7.59 3.98
C5B FAD M . 18.35 7.62 4.20
C4B FAD M . 19.04 6.25 4.20
O4B FAD M . 18.21 5.13 3.81
C3B FAD M . 20.24 6.20 3.24
O3B FAD M . 21.44 6.74 3.79
C2B FAD M . 20.36 4.71 2.94
O2B FAD M . 21.18 4.05 3.93
C1B FAD M . 18.93 4.20 2.98
N9A FAD M . 18.35 4.16 1.60
C8A FAD M . 18.62 5.01 0.56
N7A FAD M . 17.90 4.68 -0.54
C5A FAD M . 17.14 3.61 -0.23
C6A FAD M . 16.15 2.76 -0.95
N6A FAD M . 15.81 3.00 -2.24
N1A FAD M . 15.58 1.75 -0.26
C2A FAD M . 15.90 1.48 1.03
N3A FAD M . 16.79 2.21 1.73
C4A FAD M . 17.44 3.26 1.17
N1 FAD M . 18.65 7.92 12.83
C2 FAD M . 18.11 8.53 13.91
O2 FAD M . 17.55 9.66 13.76
N3 FAD M . 18.16 7.97 15.15
C4 FAD M . 18.74 6.78 15.38
O4 FAD M . 18.76 6.29 16.55
C4X FAD M . 19.35 6.05 14.23
N5 FAD M . 19.95 4.85 14.36
C5X FAD M . 20.50 4.21 13.29
C6 FAD M . 21.12 2.97 13.46
C7 FAD M . 21.68 2.31 12.38
C7M FAD M . 22.34 0.96 12.59
C8 FAD M . 21.63 2.92 11.02
C8M FAD M . 22.21 2.24 9.80
C9 FAD M . 21.02 4.15 10.84
C9A FAD M . 20.45 4.83 11.92
N10 FAD M . 19.80 6.09 11.76
C10 FAD M . 19.25 6.72 12.90
C1' FAD M . 19.75 6.78 10.45
C2' FAD M . 19.00 6.02 9.35
O2' FAD M . 19.64 6.29 8.09
C3' FAD M . 17.56 6.46 9.33
O3' FAD M . 16.82 5.24 9.48
C4' FAD M . 17.25 7.25 8.04
O4' FAD M . 18.33 8.16 7.76
C5' FAD M . 15.98 8.07 8.16
O5' FAD M . 15.93 8.99 7.06
P FAD M . 14.77 9.01 5.93
O1P FAD M . 14.30 7.63 5.49
O2P FAD M . 13.72 10.02 6.33
O3P FAD M . 15.75 9.71 4.84
FE1 FES N . 23.85 -5.20 4.45
FE2 FES N . 25.42 -3.22 5.80
S1 FES N . 24.36 -5.00 6.57
S2 FES N . 25.25 -3.65 3.65
CL CL O . 21.68 -6.30 -3.37
CL CL P . 29.89 16.66 16.03
PA FAD Q . -11.37 -3.19 15.87
O1A FAD Q . -11.23 -3.06 17.37
O2A FAD Q . -10.15 -3.27 14.98
O5B FAD Q . -12.30 -4.46 15.59
C5B FAD Q . -11.73 -5.57 14.90
C4B FAD Q . -12.62 -6.80 14.97
O4B FAD Q . -12.26 -7.73 13.92
C3B FAD Q . -12.49 -7.54 16.32
O3B FAD Q . -13.67 -7.47 17.11
C2B FAD Q . -12.18 -8.97 15.90
O2B FAD Q . -13.37 -9.76 15.84
C1B FAD Q . -11.57 -8.83 14.51
N9A FAD Q . -10.12 -8.49 14.56
C8A FAD Q . -9.44 -8.01 15.64
N7A FAD Q . -8.14 -7.78 15.33
C5A FAD Q . -7.97 -8.11 14.03
C6A FAD Q . -6.83 -8.10 13.11
N6A FAD Q . -5.61 -7.68 13.53
N1A FAD Q . -7.06 -8.52 11.84
C2A FAD Q . -8.28 -8.94 11.43
N3A FAD Q . -9.37 -8.96 12.23
C4A FAD Q . -9.28 -8.57 13.52
N1 FAD Q . -20.54 -3.46 13.29
C2 FAD Q . -21.36 -2.41 13.05
O2 FAD Q . -21.04 -1.28 13.47
N3 FAD Q . -22.53 -2.54 12.39
C4 FAD Q . -22.94 -3.73 11.90
O4 FAD Q . -24.02 -3.85 11.29
C4X FAD Q . -22.09 -4.91 12.12
N5 FAD Q . -22.43 -6.14 11.68
C5X FAD Q . -21.63 -7.21 11.89
C6 FAD Q . -22.04 -8.45 11.40
C7 FAD Q . -21.25 -9.58 11.59
C7M FAD Q . -21.73 -10.88 11.03
C8 FAD Q . -19.97 -9.46 12.32
C8M FAD Q . -19.09 -10.66 12.53
C9 FAD Q . -19.55 -8.23 12.80
C9A FAD Q . -20.35 -7.09 12.61
N10 FAD Q . -20.00 -5.81 13.09
C10 FAD Q . -20.84 -4.71 12.86
C1' FAD Q . -18.76 -5.59 13.80
C2' FAD Q . -18.01 -4.64 12.89
O2' FAD Q . -17.10 -5.41 12.10
C3' FAD Q . -17.37 -3.59 13.76
O3' FAD Q . -17.57 -2.24 13.33
C4' FAD Q . -15.93 -3.88 13.79
O4' FAD Q . -15.75 -5.05 14.59
C5' FAD Q . -15.24 -2.66 14.35
O5' FAD Q . -13.91 -2.90 14.02
P FAD Q . -12.91 -1.70 13.97
O1P FAD Q . -11.95 -2.01 12.85
O2P FAD Q . -13.63 -0.38 14.05
O3P FAD Q . -12.20 -1.90 15.41
FE1 FES R . -14.48 -18.26 10.90
FE2 FES R . -16.51 -17.12 12.57
S1 FES R . -16.62 -18.08 10.61
S2 FES R . -14.43 -17.67 13.03
I IOD S . -18.44 13.16 4.01
CL CL T . -6.48 -19.31 11.58
CL CL U . -12.33 -12.54 1.65
CL CL V . -28.67 -3.10 24.99
CL CL W . -41.39 0.14 7.14
#